data_8SMN
#
_entry.id   8SMN
#
_cell.length_a   1.00
_cell.length_b   1.00
_cell.length_c   1.00
_cell.angle_alpha   90.00
_cell.angle_beta   90.00
_cell.angle_gamma   90.00
#
_symmetry.space_group_name_H-M   'P 1'
#
loop_
_entity.id
_entity.type
_entity.pdbx_description
1 polymer 'Hyaluronan synthase 1'
2 polymer 'Fab15 heavy chain'
3 polymer 'Fab15 light chain'
4 branched '2-acetamido-2-deoxy-beta-D-glucopyranose-(1-4)-beta-D-glucopyranuronic acid-(1-3)-2-acetamido-2-deoxy-beta-D-glucopyranose-(1-4)-beta-D-glucopyranuronic acid-(1-3)-2-acetamido-2-deoxy-beta-D-glucopyranose-(1-4)-beta-D-glucopyranuronic acid-(1-3)-2-acetamido-2-deoxy-beta-D-glucopyranose-(1-4)-beta-D-glucopyranuronic acid-(1-3)-2-acetamido-2-deoxy-beta-D-glucopyranose'
5 water water
#
loop_
_entity_poly.entity_id
_entity_poly.type
_entity_poly.pdbx_seq_one_letter_code
_entity_poly.pdbx_strand_id
1 'polypeptide(L)'
;MHHHHHHHHHHHHMKEKAAETMEIPEGIPKDLEPKHPTLWRIIYYSFGVVLLATITAAYVAEFQVLKHEAILFSLGLYGL
AMLLHLMMQSLFAFLEIRRVNKSELPCSFKKTVALTIAGYQENPEYLIKCLESCKYVKYPKDKLKIILVIDGNTEDDAYM
MEMFKDVFHGEDVGTYVWKGNYHTVKKPEETNKGSCPEVSKPLNEDEGINMVEELVRNKRCVCIMQQWGGKREVMYTAFQ
AIGTSVDYVQVCDSDTKLDELATVEMVKVLESNDMYGAVGGDVRILNPYDSFISFMSSLRYWMAFNVERACQSYFDCVSC
ISGPLGMYRNNILQVFLEAWYRQKFLGTYCTLGDDRHLTNRVLSMGYRTKYTHKSRAFSETPSLYLRWLNQQTRWTKSYF
REWLYNAQWWHKHHIWMTYESVVSFIFPFFITATVIRLIYAGTIWNVVWLLLCIQIMSLFKSIYACWLRGNFIMLLMSLY
SMLYMTGLLPSKYFALLTLNKTGWGTSGRKKIVGNYMPILPLSIWAAVLCGGVGYSIYMDCQNDWSTPEKQKEMYHLLYG
CVGYVMYWVIMAVMYWVWVKRCCRKRSQTVTLVHDIPDMCV
;
A
2 'polypeptide(L)'
;EISEVQLVESGGGLVQPGGSLRLSCAASGFNVSSYYIHWVRQAPGKGLEWVASISSSSGSTSYADSVKGRFTISADTSKN
TAYLQMNSLRAEDTAVYYCARSGYYWGPYFGGFDYWGQGTLVTVSSASTKGPSVFPLAPSSKSTSGGTAALGCLVKDYFP
EPVTVSWNSGALTSGVHTFPAVLQSSGLYSLSSVVTVPSSSLGTQTYICNVNHKPSNTKVDKKVEPKSCDKTHT
;
H
3 'polypeptide(L)'
;SDIQMTQSPSSLSASVGDRVTITCRASQSVSSAVAWYQQKPGKAPKLLIYSASSLYSGVPSRFSGSRSGTDFTLTISSLQ
PEDFATYYCQQSSSSLITFGQGTKVEIKRTVAAPSVFIFPPSDSQLKSGTASVVCLLNNFYPREAKVQWKVDNALQSGNS
QESVTEQDSKDSTYSLSSTLTLSKADYEKHKVYACEVTHQGLSSPVTKSFNRGEC
;
L
#
loop_
_chem_comp.id
_chem_comp.type
_chem_comp.name
_chem_comp.formula
BDP D-saccharide, beta linking 'beta-D-glucopyranuronic acid' 'C6 H10 O7'
NAG D-saccharide, beta linking 2-acetamido-2-deoxy-beta-D-glucopyranose 'C8 H15 N O6'
#
# COMPACT_ATOMS: atom_id res chain seq x y z
N ILE A 28 0.91 2.02 -20.43
CA ILE A 28 -0.36 1.74 -21.09
C ILE A 28 -1.48 2.70 -20.65
N PRO A 29 -1.68 2.93 -19.35
CA PRO A 29 -2.71 3.88 -18.93
C PRO A 29 -2.37 5.30 -19.39
N LYS A 30 -3.42 6.07 -19.63
CA LYS A 30 -3.30 7.44 -20.14
C LYS A 30 -3.96 8.41 -19.16
N ASP A 31 -4.04 9.68 -19.57
CA ASP A 31 -4.56 10.73 -18.70
C ASP A 31 -6.06 10.63 -18.47
N LEU A 32 -6.79 9.94 -19.35
CA LEU A 32 -8.23 9.74 -19.21
C LEU A 32 -8.97 11.08 -19.08
N GLU A 33 -8.60 12.03 -19.93
CA GLU A 33 -9.19 13.35 -19.88
C GLU A 33 -10.64 13.32 -20.35
N PRO A 34 -11.47 14.25 -19.89
CA PRO A 34 -12.84 14.35 -20.40
C PRO A 34 -12.85 14.84 -21.84
N LYS A 35 -14.02 14.70 -22.47
CA LYS A 35 -14.14 15.06 -23.89
C LYS A 35 -13.99 16.55 -24.12
N HIS A 36 -14.41 17.37 -23.16
CA HIS A 36 -14.33 18.84 -23.27
C HIS A 36 -13.61 19.37 -22.04
N PRO A 37 -12.29 19.18 -21.96
CA PRO A 37 -11.58 19.57 -20.73
C PRO A 37 -11.69 21.04 -20.38
N THR A 38 -11.70 21.93 -21.38
CA THR A 38 -11.73 23.36 -21.09
C THR A 38 -13.09 23.81 -20.56
N LEU A 39 -14.18 23.30 -21.15
CA LEU A 39 -15.51 23.70 -20.72
C LEU A 39 -15.78 23.26 -19.29
N TRP A 40 -15.44 22.02 -18.97
CA TRP A 40 -15.64 21.53 -17.60
C TRP A 40 -14.76 22.28 -16.62
N ARG A 41 -13.52 22.59 -17.01
CA ARG A 41 -12.64 23.39 -16.15
C ARG A 41 -13.26 24.74 -15.85
N ILE A 42 -13.74 25.43 -16.89
CA ILE A 42 -14.31 26.76 -16.71
C ILE A 42 -15.53 26.71 -15.82
N ILE A 43 -16.44 25.76 -16.08
CA ILE A 43 -17.67 25.72 -15.29
C ILE A 43 -17.39 25.28 -13.85
N TYR A 44 -16.39 24.42 -13.64
CA TYR A 44 -16.06 24.02 -12.27
C TYR A 44 -15.43 25.17 -11.48
N TYR A 45 -14.54 25.93 -12.12
CA TYR A 45 -13.98 27.10 -11.44
C TYR A 45 -15.05 28.14 -11.18
N SER A 46 -15.97 28.33 -12.12
CA SER A 46 -17.09 29.25 -11.89
C SER A 46 -17.96 28.79 -10.73
N PHE A 47 -18.22 27.48 -10.65
CA PHE A 47 -19.00 26.94 -9.53
C PHE A 47 -18.29 27.18 -8.21
N GLY A 48 -16.98 26.97 -8.17
CA GLY A 48 -16.24 27.21 -6.93
C GLY A 48 -16.28 28.67 -6.51
N VAL A 49 -16.06 29.57 -7.46
CA VAL A 49 -16.09 31.00 -7.15
C VAL A 49 -17.48 31.41 -6.69
N VAL A 50 -18.52 30.92 -7.37
CA VAL A 50 -19.89 31.26 -6.99
C VAL A 50 -20.23 30.70 -5.62
N LEU A 51 -19.77 29.49 -5.31
CA LEU A 51 -20.00 28.91 -3.98
C LEU A 51 -19.34 29.76 -2.89
N LEU A 52 -18.09 30.16 -3.12
CA LEU A 52 -17.40 30.99 -2.13
C LEU A 52 -18.11 32.33 -1.95
N ALA A 53 -18.51 32.96 -3.06
CA ALA A 53 -19.20 34.25 -2.97
C ALA A 53 -20.54 34.11 -2.25
N THR A 54 -21.29 33.04 -2.55
CA THR A 54 -22.57 32.82 -1.90
C THR A 54 -22.40 32.59 -0.41
N ILE A 55 -21.40 31.79 -0.02
CA ILE A 55 -21.16 31.54 1.40
C ILE A 55 -20.80 32.83 2.11
N THR A 56 -19.92 33.64 1.51
CA THR A 56 -19.55 34.90 2.13
C THR A 56 -20.73 35.85 2.23
N ALA A 57 -21.57 35.90 1.19
CA ALA A 57 -22.74 36.76 1.20
C ALA A 57 -23.74 36.33 2.27
N ALA A 58 -23.95 35.02 2.43
CA ALA A 58 -24.83 34.53 3.48
C ALA A 58 -24.27 34.83 4.87
N TYR A 59 -22.95 34.70 5.03
CA TYR A 59 -22.33 35.03 6.32
C TYR A 59 -22.50 36.52 6.64
N VAL A 60 -22.29 37.39 5.65
CA VAL A 60 -22.36 38.83 5.91
C VAL A 60 -23.79 39.28 6.12
N ALA A 61 -24.73 38.75 5.32
CA ALA A 61 -26.10 39.28 5.32
C ALA A 61 -26.77 39.11 6.67
N GLU A 62 -26.55 37.96 7.31
CA GLU A 62 -27.21 37.63 8.59
C GLU A 62 -28.72 37.71 8.46
N PHE A 63 -29.28 36.97 7.51
CA PHE A 63 -30.73 36.98 7.25
C PHE A 63 -31.36 35.88 8.08
N GLN A 64 -32.27 36.26 8.97
CA GLN A 64 -32.85 35.32 9.91
C GLN A 64 -34.04 34.59 9.29
N VAL A 65 -34.04 33.26 9.42
CA VAL A 65 -35.04 32.40 8.79
C VAL A 65 -36.13 32.02 9.79
N LEU A 66 -35.73 31.36 10.87
CA LEU A 66 -36.67 30.98 11.93
C LEU A 66 -36.41 31.82 13.17
N LYS A 67 -37.47 32.43 13.71
CA LYS A 67 -37.34 33.35 14.81
C LYS A 67 -38.49 33.12 15.79
N HIS A 68 -38.22 33.43 17.05
CA HIS A 68 -39.26 33.52 18.07
C HIS A 68 -38.81 34.55 19.10
N GLU A 69 -39.71 34.88 20.01
CA GLU A 69 -39.43 35.78 21.11
C GLU A 69 -39.10 34.98 22.36
N ALA A 70 -38.58 35.69 23.37
CA ALA A 70 -38.03 35.10 24.58
C ALA A 70 -36.85 34.17 24.29
N ILE A 71 -36.26 34.28 23.11
CA ILE A 71 -35.08 33.51 22.73
C ILE A 71 -34.08 34.45 22.08
N LEU A 72 -32.88 34.54 22.64
CA LEU A 72 -31.85 35.46 22.14
C LEU A 72 -30.95 34.83 21.09
N PHE A 73 -31.44 33.82 20.38
CA PHE A 73 -30.69 33.24 19.28
C PHE A 73 -31.68 32.79 18.20
N SER A 74 -31.20 32.77 16.96
CA SER A 74 -32.04 32.39 15.83
C SER A 74 -31.21 31.49 14.91
N LEU A 75 -31.77 31.18 13.75
CA LEU A 75 -31.13 30.32 12.76
C LEU A 75 -30.95 31.12 11.48
N GLY A 76 -29.71 31.55 11.22
CA GLY A 76 -29.42 32.31 10.02
C GLY A 76 -29.20 31.42 8.80
N LEU A 77 -29.04 32.08 7.67
CA LEU A 77 -28.79 31.35 6.42
C LEU A 77 -27.46 30.63 6.47
N TYR A 78 -26.44 31.26 7.07
CA TYR A 78 -25.15 30.59 7.22
C TYR A 78 -25.27 29.34 8.09
N GLY A 79 -25.99 29.44 9.21
CA GLY A 79 -26.18 28.27 10.05
C GLY A 79 -26.95 27.17 9.35
N LEU A 80 -27.98 27.56 8.59
CA LEU A 80 -28.73 26.56 7.82
C LEU A 80 -27.83 25.86 6.80
N ALA A 81 -26.96 26.62 6.14
CA ALA A 81 -26.05 26.02 5.15
C ALA A 81 -25.08 25.06 5.82
N MET A 82 -24.51 25.44 6.97
CA MET A 82 -23.61 24.54 7.69
C MET A 82 -24.34 23.27 8.14
N LEU A 83 -25.56 23.42 8.65
CA LEU A 83 -26.32 22.25 9.09
C LEU A 83 -26.63 21.33 7.91
N LEU A 84 -26.99 21.91 6.77
CA LEU A 84 -27.25 21.10 5.58
C LEU A 84 -25.99 20.36 5.13
N HIS A 85 -24.83 21.04 5.18
CA HIS A 85 -23.59 20.38 4.81
C HIS A 85 -23.28 19.20 5.75
N LEU A 86 -23.46 19.40 7.05
CA LEU A 86 -23.24 18.32 8.00
C LEU A 86 -24.19 17.15 7.74
N MET A 87 -25.47 17.47 7.48
CA MET A 87 -26.46 16.42 7.23
C MET A 87 -26.11 15.62 5.98
N MET A 88 -25.71 16.31 4.91
CA MET A 88 -25.40 15.61 3.67
C MET A 88 -24.14 14.78 3.80
N GLN A 89 -23.14 15.28 4.52
CA GLN A 89 -21.93 14.49 4.75
C GLN A 89 -22.25 13.23 5.55
N SER A 90 -23.06 13.37 6.61
CA SER A 90 -23.43 12.20 7.41
C SER A 90 -24.21 11.19 6.58
N LEU A 91 -25.17 11.67 5.79
CA LEU A 91 -25.98 10.76 4.98
C LEU A 91 -25.13 10.01 3.95
N PHE A 92 -24.21 10.73 3.29
CA PHE A 92 -23.37 10.09 2.29
C PHE A 92 -22.42 9.08 2.93
N ALA A 93 -21.87 9.40 4.10
CA ALA A 93 -21.02 8.44 4.79
C ALA A 93 -21.79 7.18 5.16
N PHE A 94 -23.01 7.35 5.68
CA PHE A 94 -23.82 6.19 6.03
C PHE A 94 -24.15 5.35 4.80
N LEU A 95 -24.49 6.02 3.69
CA LEU A 95 -24.82 5.29 2.46
C LEU A 95 -23.61 4.49 1.96
N GLU A 96 -22.43 5.11 1.96
CA GLU A 96 -21.24 4.41 1.50
C GLU A 96 -20.91 3.23 2.40
N ILE A 97 -21.02 3.41 3.72
CA ILE A 97 -20.73 2.31 4.64
C ILE A 97 -21.70 1.15 4.41
N ARG A 98 -22.99 1.46 4.25
CA ARG A 98 -23.98 0.42 3.99
C ARG A 98 -23.71 -0.30 2.68
N ARG A 99 -23.37 0.45 1.63
CA ARG A 99 -23.09 -0.16 0.34
C ARG A 99 -21.87 -1.08 0.41
N VAL A 100 -20.82 -0.65 1.11
CA VAL A 100 -19.64 -1.48 1.24
C VAL A 100 -19.95 -2.74 2.04
N ASN A 101 -20.73 -2.60 3.12
CA ASN A 101 -21.09 -3.75 3.93
C ASN A 101 -21.91 -4.77 3.15
N LYS A 102 -22.85 -4.30 2.33
CA LYS A 102 -23.76 -5.22 1.66
C LYS A 102 -23.05 -6.03 0.58
N SER A 103 -22.21 -5.37 -0.23
CA SER A 103 -21.62 -6.02 -1.39
C SER A 103 -20.55 -7.02 -1.00
N GLU A 104 -20.43 -8.09 -1.79
CA GLU A 104 -19.38 -9.08 -1.65
C GLU A 104 -18.75 -9.34 -3.02
N LEU A 105 -17.45 -9.65 -3.01
CA LEU A 105 -16.67 -9.74 -4.23
C LEU A 105 -15.91 -11.06 -4.27
N PRO A 106 -15.61 -11.57 -5.48
CA PRO A 106 -15.02 -12.92 -5.61
C PRO A 106 -13.61 -13.07 -5.07
N CYS A 107 -12.70 -12.17 -5.43
CA CYS A 107 -11.27 -12.29 -5.12
C CYS A 107 -10.68 -13.56 -5.71
N SER A 108 -10.62 -13.57 -7.06
CA SER A 108 -10.14 -14.72 -7.82
C SER A 108 -8.73 -15.15 -7.45
N PHE A 109 -8.00 -14.37 -6.65
CA PHE A 109 -6.67 -14.74 -6.16
C PHE A 109 -5.66 -14.94 -7.28
N LYS A 110 -5.76 -14.16 -8.35
CA LYS A 110 -4.87 -14.27 -9.49
C LYS A 110 -4.01 -13.02 -9.69
N LYS A 111 -3.90 -12.17 -8.68
CA LYS A 111 -3.16 -10.92 -8.78
C LYS A 111 -1.97 -10.94 -7.83
N THR A 112 -0.85 -10.39 -8.28
CA THR A 112 0.37 -10.32 -7.49
C THR A 112 0.41 -9.02 -6.71
N VAL A 113 0.87 -9.09 -5.46
CA VAL A 113 0.91 -7.96 -4.55
C VAL A 113 2.33 -7.82 -4.00
N ALA A 114 2.78 -6.57 -3.86
CA ALA A 114 4.10 -6.28 -3.32
C ALA A 114 3.94 -5.41 -2.08
N LEU A 115 4.29 -5.96 -0.91
CA LEU A 115 4.25 -5.24 0.35
C LEU A 115 5.54 -4.48 0.54
N THR A 116 5.47 -3.15 0.54
CA THR A 116 6.63 -2.27 0.59
C THR A 116 6.69 -1.58 1.95
N ILE A 117 7.77 -1.84 2.69
CA ILE A 117 7.98 -1.25 4.01
C ILE A 117 9.25 -0.42 3.98
N ALA A 118 9.19 0.75 4.64
CA ALA A 118 10.31 1.67 4.74
C ALA A 118 10.66 1.88 6.21
N GLY A 119 11.95 1.85 6.51
CA GLY A 119 12.41 2.02 7.88
C GLY A 119 13.58 2.96 7.99
N TYR A 120 13.59 3.75 9.07
CA TYR A 120 14.71 4.64 9.40
C TYR A 120 15.38 4.20 10.69
N GLN A 121 14.65 4.17 11.81
CA GLN A 121 15.20 3.79 13.10
C GLN A 121 14.17 3.06 13.96
N GLU A 122 13.28 2.30 13.34
CA GLU A 122 12.12 1.74 14.03
C GLU A 122 12.52 1.00 15.29
N ASN A 123 11.68 1.11 16.32
CA ASN A 123 11.91 0.45 17.59
C ASN A 123 11.99 -1.06 17.37
N PRO A 124 12.92 -1.76 18.04
CA PRO A 124 13.01 -3.22 17.87
C PRO A 124 11.78 -3.96 18.38
N GLU A 125 10.82 -3.22 18.95
CA GLU A 125 9.59 -3.80 19.46
C GLU A 125 8.43 -3.63 18.49
N TYR A 126 8.42 -2.55 17.70
CA TYR A 126 7.37 -2.34 16.71
C TYR A 126 7.69 -2.98 15.37
N LEU A 127 8.97 -2.99 14.97
CA LEU A 127 9.35 -3.58 13.71
C LEU A 127 9.08 -5.09 13.70
N ILE A 128 9.34 -5.75 14.82
CA ILE A 128 9.06 -7.19 14.90
C ILE A 128 7.57 -7.46 14.75
N LYS A 129 6.72 -6.65 15.40
CA LYS A 129 5.29 -6.81 15.24
C LYS A 129 4.87 -6.59 13.80
N CYS A 130 5.41 -5.56 13.15
CA CYS A 130 5.08 -5.29 11.76
C CYS A 130 5.48 -6.44 10.86
N LEU A 131 6.69 -6.97 11.06
CA LEU A 131 7.17 -8.06 10.21
C LEU A 131 6.36 -9.34 10.43
N GLU A 132 6.03 -9.65 11.69
CA GLU A 132 5.20 -10.83 11.94
C GLU A 132 3.81 -10.68 11.35
N SER A 133 3.23 -9.48 11.45
CA SER A 133 1.91 -9.25 10.85
C SER A 133 1.97 -9.39 9.33
N CYS A 134 3.03 -8.88 8.70
CA CYS A 134 3.19 -9.06 7.26
C CYS A 134 3.34 -10.53 6.90
N LYS A 135 4.12 -11.27 7.69
CA LYS A 135 4.34 -12.68 7.42
C LYS A 135 3.06 -13.49 7.55
N TYR A 136 2.24 -13.20 8.56
CA TYR A 136 1.07 -14.00 8.88
C TYR A 136 -0.20 -13.47 8.23
N VAL A 137 -0.08 -12.63 7.20
CA VAL A 137 -1.27 -12.14 6.52
C VAL A 137 -1.93 -13.26 5.72
N LYS A 138 -3.20 -13.09 5.42
CA LYS A 138 -3.99 -14.10 4.73
C LYS A 138 -4.02 -13.77 3.25
N TYR A 139 -3.01 -14.29 2.53
CA TYR A 139 -2.90 -14.16 1.09
C TYR A 139 -1.90 -15.18 0.61
N PRO A 140 -2.07 -15.77 -0.58
CA PRO A 140 -1.13 -16.80 -1.03
C PRO A 140 0.31 -16.28 -1.07
N LYS A 141 1.24 -17.15 -0.67
CA LYS A 141 2.64 -16.76 -0.60
C LYS A 141 3.28 -16.64 -1.99
N ASP A 142 2.71 -17.30 -3.00
CA ASP A 142 3.22 -17.16 -4.36
C ASP A 142 2.69 -15.92 -5.07
N LYS A 143 1.80 -15.16 -4.43
CA LYS A 143 1.30 -13.91 -4.99
C LYS A 143 1.71 -12.69 -4.18
N LEU A 144 2.38 -12.87 -3.05
CA LEU A 144 2.80 -11.76 -2.19
C LEU A 144 4.31 -11.74 -2.09
N LYS A 145 4.90 -10.58 -2.37
CA LYS A 145 6.33 -10.38 -2.29
C LYS A 145 6.62 -9.21 -1.36
N ILE A 146 7.50 -9.41 -0.40
CA ILE A 146 7.74 -8.45 0.68
C ILE A 146 9.11 -7.80 0.47
N ILE A 147 9.15 -6.47 0.46
CA ILE A 147 10.37 -5.70 0.30
C ILE A 147 10.46 -4.70 1.45
N LEU A 148 11.63 -4.63 2.07
CA LEU A 148 11.89 -3.67 3.15
C LEU A 148 13.14 -2.88 2.81
N VAL A 149 13.02 -1.55 2.85
CA VAL A 149 14.11 -0.65 2.51
C VAL A 149 14.47 0.16 3.74
N ILE A 150 15.75 0.18 4.08
CA ILE A 150 16.27 0.77 5.31
C ILE A 150 17.15 1.96 4.95
N ASP A 151 16.96 3.07 5.64
CA ASP A 151 17.81 4.24 5.47
C ASP A 151 19.08 4.10 6.32
N GLY A 152 20.14 4.77 5.87
CA GLY A 152 21.34 4.86 6.68
C GLY A 152 22.13 3.58 6.85
N ASN A 153 22.77 3.12 5.77
CA ASN A 153 23.61 1.93 5.85
C ASN A 153 24.94 2.24 6.52
N THR A 154 24.90 2.70 7.78
CA THR A 154 26.08 3.14 8.50
C THR A 154 26.48 2.17 9.60
N GLU A 155 26.15 0.89 9.44
CA GLU A 155 26.57 -0.20 10.33
C GLU A 155 25.83 -0.13 11.66
N ASP A 156 25.06 0.94 11.88
CA ASP A 156 24.21 1.06 13.05
C ASP A 156 22.77 0.66 12.76
N ASP A 157 22.43 0.37 11.51
CA ASP A 157 21.09 -0.02 11.12
C ASP A 157 21.00 -1.46 10.67
N ALA A 158 22.04 -2.26 10.91
CA ALA A 158 22.01 -3.68 10.54
C ALA A 158 21.13 -4.50 11.46
N TYR A 159 20.78 -3.97 12.64
CA TYR A 159 19.89 -4.67 13.56
C TYR A 159 18.48 -4.84 13.01
N MET A 160 18.09 -4.05 12.01
CA MET A 160 16.82 -4.24 11.33
C MET A 160 16.89 -5.28 10.23
N MET A 161 17.97 -5.31 9.46
CA MET A 161 18.15 -6.37 8.47
C MET A 161 18.29 -7.73 9.13
N GLU A 162 18.99 -7.78 10.27
CA GLU A 162 19.12 -9.05 10.99
C GLU A 162 17.76 -9.57 11.44
N MET A 163 16.92 -8.68 11.97
CA MET A 163 15.58 -9.10 12.38
C MET A 163 14.72 -9.49 11.18
N PHE A 164 14.87 -8.79 10.06
CA PHE A 164 14.14 -9.17 8.85
C PHE A 164 14.54 -10.57 8.40
N LYS A 165 15.85 -10.87 8.43
CA LYS A 165 16.31 -12.21 8.08
C LYS A 165 15.77 -13.25 9.05
N ASP A 166 15.75 -12.92 10.35
CA ASP A 166 15.26 -13.86 11.35
C ASP A 166 13.78 -14.16 11.16
N VAL A 167 12.98 -13.15 10.83
CA VAL A 167 11.54 -13.34 10.71
C VAL A 167 11.21 -14.24 9.52
N PHE A 168 11.96 -14.11 8.43
CA PHE A 168 11.65 -14.83 7.20
C PHE A 168 12.74 -15.84 6.86
N HIS A 169 13.18 -16.61 7.85
CA HIS A 169 14.37 -17.46 7.69
C HIS A 169 14.18 -18.48 6.56
N GLY A 170 13.01 -19.11 6.48
CA GLY A 170 12.82 -20.19 5.55
C GLY A 170 12.13 -19.85 4.25
N GLU A 171 12.43 -18.68 3.68
CA GLU A 171 11.84 -18.24 2.42
C GLU A 171 12.95 -17.75 1.49
N ASP A 172 12.54 -17.24 0.32
CA ASP A 172 13.46 -16.64 -0.62
C ASP A 172 13.91 -15.27 -0.13
N VAL A 173 15.08 -15.21 0.50
CA VAL A 173 15.56 -14.01 1.16
C VAL A 173 16.75 -13.46 0.39
N GLY A 174 16.67 -12.18 0.02
CA GLY A 174 17.78 -11.49 -0.59
C GLY A 174 18.10 -10.20 0.14
N THR A 175 19.28 -10.11 0.73
CA THR A 175 19.69 -8.96 1.52
C THR A 175 20.85 -8.26 0.83
N TYR A 176 20.76 -6.95 0.69
CA TYR A 176 21.82 -6.17 0.07
C TYR A 176 22.09 -4.90 0.89
N VAL A 177 23.36 -4.53 0.98
CA VAL A 177 23.79 -3.29 1.61
C VAL A 177 24.35 -2.41 0.50
N TRP A 178 23.56 -1.42 0.08
CA TRP A 178 23.90 -0.59 -1.06
C TRP A 178 24.65 0.65 -0.57
N LYS A 179 25.95 0.70 -0.81
CA LYS A 179 26.77 1.87 -0.48
C LYS A 179 26.52 2.96 -1.53
N GLY A 180 25.32 3.53 -1.45
CA GLY A 180 24.90 4.54 -2.41
C GLY A 180 23.40 4.67 -2.42
N ASN A 181 22.89 5.24 -3.50
CA ASN A 181 21.45 5.46 -3.65
C ASN A 181 21.15 5.67 -5.13
N TYR A 182 19.85 5.73 -5.44
CA TYR A 182 19.43 5.95 -6.82
C TYR A 182 19.77 7.36 -7.32
N HIS A 183 20.00 8.29 -6.41
CA HIS A 183 20.31 9.68 -6.76
C HIS A 183 21.56 10.14 -6.03
N THR A 184 22.59 9.31 -6.05
CA THR A 184 23.86 9.63 -5.39
C THR A 184 24.90 10.07 -6.42
N GLU A 207 26.57 -2.58 -11.13
CA GLU A 207 26.81 -1.93 -9.86
C GLU A 207 25.72 -2.25 -8.85
N GLY A 208 25.49 -1.32 -7.92
CA GLY A 208 24.46 -1.54 -6.92
C GLY A 208 23.06 -1.56 -7.49
N ILE A 209 22.81 -0.74 -8.52
CA ILE A 209 21.47 -0.64 -9.10
C ILE A 209 21.04 -1.99 -9.69
N ASN A 210 21.92 -2.62 -10.45
CA ASN A 210 21.58 -3.89 -11.08
C ASN A 210 21.31 -4.97 -10.04
N MET A 211 22.15 -5.06 -9.02
CA MET A 211 21.96 -6.07 -7.98
C MET A 211 20.65 -5.82 -7.23
N VAL A 212 20.36 -4.56 -6.89
CA VAL A 212 19.14 -4.23 -6.18
C VAL A 212 17.92 -4.62 -7.02
N GLU A 213 17.94 -4.25 -8.30
CA GLU A 213 16.79 -4.53 -9.17
C GLU A 213 16.59 -6.03 -9.36
N GLU A 214 17.67 -6.78 -9.60
CA GLU A 214 17.52 -8.22 -9.80
C GLU A 214 17.06 -8.91 -8.54
N LEU A 215 17.58 -8.48 -7.37
CA LEU A 215 17.14 -9.09 -6.12
C LEU A 215 15.67 -8.81 -5.84
N VAL A 216 15.22 -7.57 -6.10
CA VAL A 216 13.83 -7.23 -5.82
C VAL A 216 12.90 -7.95 -6.79
N ARG A 217 13.28 -8.03 -8.07
CA ARG A 217 12.37 -8.56 -9.08
C ARG A 217 12.36 -10.08 -9.13
N ASN A 218 13.44 -10.73 -8.69
CA ASN A 218 13.53 -12.19 -8.79
C ASN A 218 13.18 -12.90 -7.49
N LYS A 219 13.59 -12.37 -6.34
CA LYS A 219 13.32 -13.01 -5.06
C LYS A 219 11.92 -12.65 -4.57
N ARG A 220 11.56 -13.19 -3.40
CA ARG A 220 10.27 -12.92 -2.78
C ARG A 220 10.41 -11.97 -1.60
N CYS A 221 11.26 -12.29 -0.63
CA CYS A 221 11.54 -11.43 0.50
C CYS A 221 12.88 -10.74 0.27
N VAL A 222 12.87 -9.42 0.29
CA VAL A 222 14.05 -8.63 -0.04
C VAL A 222 14.26 -7.56 1.03
N CYS A 223 15.51 -7.37 1.44
CA CYS A 223 15.87 -6.34 2.40
C CYS A 223 17.05 -5.55 1.83
N ILE A 224 16.82 -4.29 1.51
CA ILE A 224 17.84 -3.41 0.94
C ILE A 224 18.13 -2.29 1.92
N MET A 225 19.40 -2.10 2.24
CA MET A 225 19.84 -0.97 3.05
C MET A 225 20.60 0.01 2.17
N GLN A 226 20.22 1.28 2.22
CA GLN A 226 20.81 2.30 1.36
C GLN A 226 21.18 3.52 2.19
N GLN A 227 21.89 4.44 1.54
CA GLN A 227 22.29 5.68 2.20
C GLN A 227 21.08 6.54 2.51
N TRP A 228 21.20 7.34 3.58
CA TRP A 228 20.07 8.13 4.07
C TRP A 228 19.71 9.22 3.07
N GLY A 229 18.46 9.20 2.62
CA GLY A 229 17.95 10.23 1.74
C GLY A 229 16.60 10.76 2.15
N GLY A 230 15.98 10.10 3.11
CA GLY A 230 14.66 10.48 3.60
C GLY A 230 13.61 9.43 3.29
N LYS A 231 12.40 9.71 3.76
CA LYS A 231 11.28 8.80 3.52
C LYS A 231 10.94 8.71 2.04
N ARG A 232 11.07 9.81 1.29
CA ARG A 232 10.83 9.77 -0.14
C ARG A 232 11.85 8.89 -0.86
N GLU A 233 13.10 8.90 -0.38
CA GLU A 233 14.16 8.17 -1.07
C GLU A 233 13.93 6.66 -1.04
N VAL A 234 13.61 6.12 0.14
CA VAL A 234 13.41 4.68 0.26
C VAL A 234 12.19 4.25 -0.53
N MET A 235 11.10 5.02 -0.46
CA MET A 235 9.90 4.69 -1.22
C MET A 235 10.16 4.72 -2.72
N TYR A 236 10.88 5.73 -3.20
CA TYR A 236 11.22 5.79 -4.61
C TYR A 236 12.10 4.60 -5.02
N THR A 237 13.08 4.26 -4.18
CA THR A 237 13.98 3.15 -4.50
C THR A 237 13.19 1.85 -4.62
N ALA A 238 12.30 1.60 -3.68
CA ALA A 238 11.50 0.39 -3.72
C ALA A 238 10.56 0.37 -4.92
N PHE A 239 9.90 1.50 -5.21
CA PHE A 239 8.99 1.56 -6.35
C PHE A 239 9.74 1.34 -7.66
N GLN A 240 10.92 1.92 -7.80
CA GLN A 240 11.69 1.75 -9.02
C GLN A 240 12.21 0.32 -9.17
N ALA A 241 12.71 -0.26 -8.07
CA ALA A 241 13.20 -1.63 -8.11
C ALA A 241 12.08 -2.64 -8.30
N ILE A 242 10.83 -2.27 -8.01
CA ILE A 242 9.72 -3.18 -8.21
C ILE A 242 9.56 -3.52 -9.69
N GLY A 243 9.63 -2.52 -10.56
CA GLY A 243 9.45 -2.75 -11.97
C GLY A 243 8.04 -3.23 -12.29
N THR A 244 7.95 -4.08 -13.31
CA THR A 244 6.67 -4.67 -13.73
C THR A 244 6.47 -6.08 -13.20
N SER A 245 7.06 -6.38 -12.03
CA SER A 245 7.00 -7.73 -11.48
C SER A 245 5.73 -7.99 -10.66
N VAL A 246 4.95 -6.97 -10.35
CA VAL A 246 3.73 -7.14 -9.56
C VAL A 246 2.61 -6.32 -10.18
N ASP A 247 1.37 -6.67 -9.81
CA ASP A 247 0.19 -5.96 -10.28
C ASP A 247 -0.22 -4.84 -9.33
N TYR A 248 -0.17 -5.09 -8.02
CA TYR A 248 -0.57 -4.11 -7.01
C TYR A 248 0.59 -3.88 -6.05
N VAL A 249 0.77 -2.63 -5.62
CA VAL A 249 1.79 -2.26 -4.66
C VAL A 249 1.10 -1.75 -3.41
N GLN A 250 1.29 -2.44 -2.29
CA GLN A 250 0.79 -2.00 -1.00
C GLN A 250 1.91 -1.31 -0.25
N VAL A 251 1.60 -0.15 0.34
CA VAL A 251 2.56 0.64 1.09
C VAL A 251 2.27 0.48 2.57
N CYS A 252 3.34 0.35 3.36
CA CYS A 252 3.22 0.23 4.80
C CYS A 252 4.34 1.03 5.46
N ASP A 253 4.24 1.19 6.78
CA ASP A 253 5.28 1.81 7.58
C ASP A 253 5.96 0.73 8.43
N SER A 254 7.04 1.12 9.09
CA SER A 254 7.78 0.16 9.90
C SER A 254 7.07 -0.12 11.23
N ASP A 255 6.10 0.69 11.60
CA ASP A 255 5.41 0.55 12.87
C ASP A 255 4.03 -0.09 12.76
N THR A 256 3.44 -0.11 11.57
CA THR A 256 2.05 -0.56 11.42
C THR A 256 1.93 -2.06 11.65
N LYS A 257 0.93 -2.44 12.43
CA LYS A 257 0.55 -3.84 12.61
C LYS A 257 -0.63 -4.13 11.71
N LEU A 258 -0.49 -5.15 10.87
CA LEU A 258 -1.43 -5.42 9.79
C LEU A 258 -2.44 -6.50 10.20
N ASP A 259 -3.72 -6.24 9.94
CA ASP A 259 -4.72 -7.27 10.09
C ASP A 259 -4.56 -8.31 8.98
N GLU A 260 -5.03 -9.53 9.27
CA GLU A 260 -4.82 -10.64 8.35
C GLU A 260 -5.63 -10.49 7.06
N LEU A 261 -6.72 -9.72 7.08
CA LEU A 261 -7.61 -9.60 5.93
C LEU A 261 -7.40 -8.31 5.14
N ALA A 262 -6.44 -7.48 5.55
CA ALA A 262 -6.27 -6.17 4.90
C ALA A 262 -5.90 -6.32 3.42
N THR A 263 -4.88 -7.12 3.13
CA THR A 263 -4.43 -7.27 1.76
C THR A 263 -5.49 -7.87 0.87
N VAL A 264 -6.16 -8.93 1.34
CA VAL A 264 -7.17 -9.59 0.52
C VAL A 264 -8.36 -8.68 0.29
N GLU A 265 -8.78 -7.93 1.32
CA GLU A 265 -9.89 -7.00 1.12
C GLU A 265 -9.55 -5.89 0.14
N MET A 266 -8.33 -5.33 0.24
CA MET A 266 -7.95 -4.28 -0.70
C MET A 266 -7.84 -4.81 -2.12
N VAL A 267 -7.29 -6.01 -2.29
CA VAL A 267 -7.23 -6.61 -3.62
C VAL A 267 -8.63 -6.87 -4.15
N LYS A 268 -9.54 -7.31 -3.29
CA LYS A 268 -10.92 -7.55 -3.68
C LYS A 268 -11.57 -6.26 -4.18
N VAL A 269 -11.38 -5.16 -3.45
CA VAL A 269 -12.03 -3.92 -3.85
C VAL A 269 -11.35 -3.32 -5.09
N LEU A 270 -10.07 -3.61 -5.30
CA LEU A 270 -9.38 -3.10 -6.48
C LEU A 270 -9.74 -3.90 -7.74
N GLU A 271 -9.99 -5.20 -7.60
CA GLU A 271 -10.27 -6.03 -8.76
C GLU A 271 -11.65 -5.81 -9.35
N SER A 272 -12.59 -5.28 -8.55
CA SER A 272 -13.97 -5.17 -9.01
C SER A 272 -14.10 -4.24 -10.20
N ASN A 273 -13.42 -3.09 -10.16
CA ASN A 273 -13.51 -2.09 -11.22
C ASN A 273 -12.12 -1.73 -11.71
N ASP A 274 -11.95 -1.69 -13.03
CA ASP A 274 -10.68 -1.31 -13.62
C ASP A 274 -10.41 0.20 -13.52
N MET A 275 -11.43 0.99 -13.19
CA MET A 275 -11.25 2.43 -13.06
C MET A 275 -10.50 2.80 -11.78
N TYR A 276 -10.58 1.97 -10.75
CA TYR A 276 -9.91 2.26 -9.49
C TYR A 276 -8.40 2.23 -9.67
N GLY A 277 -7.71 3.23 -9.14
CA GLY A 277 -6.27 3.30 -9.23
C GLY A 277 -5.59 3.12 -7.89
N ALA A 278 -6.29 3.47 -6.82
CA ALA A 278 -5.75 3.38 -5.47
C ALA A 278 -6.88 3.13 -4.50
N VAL A 279 -6.51 2.63 -3.32
CA VAL A 279 -7.49 2.37 -2.27
C VAL A 279 -6.79 2.46 -0.91
N GLY A 280 -7.55 2.82 0.12
CA GLY A 280 -7.07 2.88 1.47
C GLY A 280 -7.86 1.95 2.37
N GLY A 281 -7.54 2.01 3.67
CA GLY A 281 -8.21 1.19 4.66
C GLY A 281 -8.25 1.86 6.00
N ASP A 282 -9.04 1.28 6.90
CA ASP A 282 -9.19 1.81 8.24
C ASP A 282 -7.88 1.65 9.02
N VAL A 283 -7.52 2.69 9.77
CA VAL A 283 -6.31 2.70 10.58
C VAL A 283 -6.73 2.90 12.03
N ARG A 284 -6.31 1.99 12.90
CA ARG A 284 -6.59 2.07 14.32
C ARG A 284 -5.35 2.54 15.07
N ILE A 285 -5.45 2.58 16.40
CA ILE A 285 -4.39 3.06 17.27
C ILE A 285 -3.98 1.95 18.23
N LEU A 286 -2.67 1.70 18.32
CA LEU A 286 -2.17 0.68 19.23
C LEU A 286 -2.26 1.11 20.70
N ASN A 287 -2.09 2.40 20.97
CA ASN A 287 -2.00 2.92 22.34
C ASN A 287 -3.01 4.04 22.53
N PRO A 288 -4.29 3.71 22.69
CA PRO A 288 -5.30 4.75 22.95
C PRO A 288 -5.40 5.15 24.41
N TYR A 289 -4.62 4.56 25.30
CA TYR A 289 -4.66 4.87 26.73
C TYR A 289 -3.34 5.40 27.26
N ASP A 290 -2.41 5.80 26.37
CA ASP A 290 -1.15 6.36 26.83
C ASP A 290 -1.37 7.68 27.56
N SER A 291 -2.27 8.52 27.05
CA SER A 291 -2.57 9.80 27.65
C SER A 291 -3.95 10.25 27.16
N PHE A 292 -4.36 11.44 27.59
CA PHE A 292 -5.61 12.01 27.12
C PHE A 292 -5.53 12.34 25.63
N ILE A 293 -4.35 12.75 25.16
CA ILE A 293 -4.18 13.10 23.75
C ILE A 293 -4.33 11.88 22.86
N SER A 294 -3.82 10.73 23.31
CA SER A 294 -3.91 9.51 22.50
C SER A 294 -5.37 9.07 22.32
N PHE A 295 -6.18 9.18 23.39
CA PHE A 295 -7.58 8.78 23.30
C PHE A 295 -8.34 9.66 22.32
N MET A 296 -8.15 10.98 22.42
CA MET A 296 -8.79 11.90 21.49
C MET A 296 -8.30 11.66 20.07
N SER A 297 -7.01 11.34 19.92
CA SER A 297 -6.47 11.04 18.60
C SER A 297 -7.11 9.79 18.01
N SER A 298 -7.34 8.76 18.84
CA SER A 298 -8.01 7.56 18.35
C SER A 298 -9.44 7.85 17.93
N LEU A 299 -10.17 8.63 18.73
CA LEU A 299 -11.53 9.00 18.36
C LEU A 299 -11.56 9.80 17.05
N ARG A 300 -10.63 10.75 16.92
CA ARG A 300 -10.56 11.55 15.70
C ARG A 300 -10.16 10.69 14.50
N TYR A 301 -9.29 9.70 14.71
CA TYR A 301 -8.93 8.78 13.64
C TYR A 301 -10.14 8.01 13.15
N TRP A 302 -10.93 7.47 14.09
CA TRP A 302 -12.14 6.75 13.69
C TRP A 302 -13.09 7.68 12.94
N MET A 303 -13.28 8.90 13.44
CA MET A 303 -14.18 9.84 12.77
C MET A 303 -13.71 10.13 11.35
N ALA A 304 -12.44 10.53 11.20
CA ALA A 304 -11.91 10.93 9.91
C ALA A 304 -11.83 9.76 8.93
N PHE A 305 -11.74 8.52 9.43
CA PHE A 305 -11.69 7.40 8.51
C PHE A 305 -13.06 6.87 8.13
N ASN A 306 -14.02 6.87 9.06
CA ASN A 306 -15.31 6.24 8.81
C ASN A 306 -16.43 7.24 8.52
N VAL A 307 -16.13 8.54 8.47
CA VAL A 307 -17.14 9.50 8.06
C VAL A 307 -16.64 10.30 6.87
N GLU A 308 -15.56 11.05 7.07
CA GLU A 308 -15.04 11.91 6.00
C GLU A 308 -14.54 11.09 4.82
N ARG A 309 -13.69 10.10 5.08
CA ARG A 309 -13.15 9.28 4.00
C ARG A 309 -14.22 8.42 3.35
N ALA A 310 -15.19 7.93 4.13
CA ALA A 310 -16.30 7.19 3.54
C ALA A 310 -17.13 8.05 2.62
N CYS A 311 -17.43 9.29 3.04
CA CYS A 311 -18.18 10.20 2.19
C CYS A 311 -17.40 10.54 0.92
N GLN A 312 -16.09 10.73 1.04
CA GLN A 312 -15.26 10.98 -0.14
C GLN A 312 -15.28 9.77 -1.07
N SER A 313 -15.20 8.57 -0.51
CA SER A 313 -15.21 7.35 -1.33
C SER A 313 -16.57 7.06 -1.94
N TYR A 314 -17.64 7.66 -1.41
CA TYR A 314 -18.95 7.49 -2.04
C TYR A 314 -18.96 8.01 -3.47
N PHE A 315 -18.20 9.08 -3.73
CA PHE A 315 -18.08 9.65 -5.07
C PHE A 315 -16.76 9.28 -5.73
N ASP A 316 -16.00 8.34 -5.15
CA ASP A 316 -14.73 7.87 -5.70
C ASP A 316 -13.74 9.01 -5.87
N CYS A 317 -13.66 9.87 -4.85
CA CYS A 317 -12.78 11.03 -4.88
C CYS A 317 -12.07 11.20 -3.54
N VAL A 318 -11.54 10.09 -3.00
CA VAL A 318 -10.81 10.16 -1.73
C VAL A 318 -9.58 11.03 -1.92
N SER A 319 -9.46 12.08 -1.10
CA SER A 319 -8.40 13.05 -1.29
C SER A 319 -7.04 12.52 -0.87
N CYS A 320 -7.00 11.77 0.24
CA CYS A 320 -5.74 11.29 0.79
C CYS A 320 -5.87 9.81 1.16
N ILE A 321 -4.90 9.01 0.74
CA ILE A 321 -4.79 7.61 1.13
C ILE A 321 -3.79 7.52 2.27
N SER A 322 -4.16 6.84 3.35
CA SER A 322 -3.33 6.80 4.55
C SER A 322 -2.00 6.10 4.27
N GLY A 323 -0.98 6.48 5.04
CA GLY A 323 0.32 5.89 4.93
C GLY A 323 0.37 4.42 5.26
N PRO A 324 -0.03 4.05 6.48
CA PRO A 324 0.04 2.63 6.88
C PRO A 324 -0.74 1.69 5.99
N LEU A 325 -1.91 2.09 5.49
CA LEU A 325 -2.74 1.25 4.65
C LEU A 325 -2.97 1.94 3.31
N GLY A 326 -2.59 1.26 2.23
CA GLY A 326 -2.79 1.81 0.90
C GLY A 326 -2.32 0.88 -0.20
N MET A 327 -3.14 0.72 -1.23
CA MET A 327 -2.82 -0.09 -2.39
C MET A 327 -2.91 0.77 -3.64
N TYR A 328 -1.95 0.59 -4.55
CA TYR A 328 -1.86 1.33 -5.79
C TYR A 328 -1.70 0.37 -6.96
N ARG A 329 -2.28 0.71 -8.10
CA ARG A 329 -2.01 -0.03 -9.32
C ARG A 329 -0.58 0.21 -9.79
N ASN A 330 0.08 -0.85 -10.24
CA ASN A 330 1.50 -0.76 -10.52
C ASN A 330 1.79 0.01 -11.80
N ASN A 331 0.97 -0.15 -12.84
CA ASN A 331 1.25 0.51 -14.11
C ASN A 331 1.16 2.03 -13.97
N ILE A 332 0.10 2.52 -13.33
CA ILE A 332 -0.05 3.96 -13.12
C ILE A 332 1.09 4.49 -12.26
N LEU A 333 1.44 3.74 -11.22
CA LEU A 333 2.53 4.15 -10.33
C LEU A 333 3.84 4.27 -11.10
N GLN A 334 4.15 3.29 -11.95
CA GLN A 334 5.36 3.38 -12.76
C GLN A 334 5.28 4.53 -13.76
N VAL A 335 4.08 4.87 -14.22
CA VAL A 335 3.93 6.00 -15.13
C VAL A 335 4.29 7.31 -14.43
N PHE A 336 3.73 7.54 -13.23
CA PHE A 336 3.87 8.85 -12.59
C PHE A 336 4.98 8.90 -11.53
N LEU A 337 5.76 7.83 -11.36
CA LEU A 337 6.75 7.81 -10.28
C LEU A 337 7.81 8.90 -10.45
N GLU A 338 8.35 9.04 -11.66
CA GLU A 338 9.42 10.01 -11.87
C GLU A 338 8.94 11.44 -11.65
N ALA A 339 7.73 11.74 -12.15
CA ALA A 339 7.16 13.06 -11.91
C ALA A 339 6.87 13.29 -10.44
N TRP A 340 6.41 12.25 -9.74
CA TRP A 340 6.11 12.39 -8.31
C TRP A 340 7.37 12.67 -7.50
N TYR A 341 8.47 12.00 -7.84
CA TYR A 341 9.72 12.22 -7.10
C TYR A 341 10.23 13.64 -7.29
N ARG A 342 10.24 14.12 -8.53
CA ARG A 342 10.77 15.45 -8.85
C ARG A 342 9.66 16.50 -8.86
N GLN A 343 9.08 16.73 -7.69
CA GLN A 343 8.04 17.73 -7.52
C GLN A 343 8.46 18.73 -6.44
N LYS A 344 8.37 20.01 -6.76
CA LYS A 344 8.63 21.09 -5.83
C LYS A 344 7.39 21.96 -5.69
N PHE A 345 7.23 22.56 -4.51
CA PHE A 345 6.14 23.52 -4.30
C PHE A 345 6.63 24.89 -4.73
N LEU A 346 6.42 25.22 -6.01
CA LEU A 346 6.77 26.52 -6.56
C LEU A 346 8.23 26.88 -6.29
N GLY A 347 9.14 25.92 -6.46
CA GLY A 347 10.55 26.17 -6.28
C GLY A 347 11.14 25.67 -4.98
N THR A 348 10.40 24.92 -4.17
CA THR A 348 10.90 24.40 -2.91
C THR A 348 10.59 22.90 -2.83
N TYR A 349 11.62 22.11 -2.52
CA TYR A 349 11.43 20.67 -2.37
C TYR A 349 10.50 20.36 -1.21
N CYS A 350 9.73 19.29 -1.38
CA CYS A 350 8.76 18.85 -0.37
C CYS A 350 9.26 17.59 0.31
N THR A 351 9.21 17.59 1.64
CA THR A 351 9.55 16.44 2.46
C THR A 351 8.39 16.06 3.36
N LEU A 352 7.17 16.29 2.89
CA LEU A 352 5.98 16.13 3.70
C LEU A 352 4.82 15.66 2.82
N GLY A 353 3.94 14.85 3.41
CA GLY A 353 2.72 14.43 2.75
C GLY A 353 2.95 13.65 1.47
N ASP A 354 3.85 12.68 1.51
CA ASP A 354 4.13 11.86 0.34
C ASP A 354 3.01 10.90 -0.01
N ASP A 355 2.12 10.61 0.94
CA ASP A 355 0.91 9.84 0.65
C ASP A 355 -0.17 10.71 0.03
N ARG A 356 -0.34 11.94 0.54
CA ARG A 356 -1.26 12.88 -0.08
C ARG A 356 -0.82 13.20 -1.51
N HIS A 357 0.49 13.36 -1.73
CA HIS A 357 0.98 13.60 -3.08
C HIS A 357 0.80 12.37 -3.96
N LEU A 358 0.94 11.16 -3.42
CA LEU A 358 0.68 9.96 -4.20
C LEU A 358 -0.78 9.91 -4.64
N THR A 359 -1.70 10.23 -3.72
CA THR A 359 -3.12 10.25 -4.10
C THR A 359 -3.41 11.35 -5.11
N ASN A 360 -2.75 12.51 -4.97
CA ASN A 360 -2.92 13.58 -5.94
C ASN A 360 -2.44 13.17 -7.32
N ARG A 361 -1.30 12.47 -7.39
CA ARG A 361 -0.80 11.97 -8.65
C ARG A 361 -1.74 10.95 -9.26
N VAL A 362 -2.32 10.08 -8.43
CA VAL A 362 -3.29 9.11 -8.93
C VAL A 362 -4.51 9.82 -9.50
N LEU A 363 -5.01 10.83 -8.78
CA LEU A 363 -6.19 11.56 -9.22
C LEU A 363 -5.93 12.43 -10.44
N SER A 364 -4.68 12.86 -10.65
CA SER A 364 -4.36 13.72 -11.79
C SER A 364 -4.44 12.99 -13.12
N MET A 365 -4.55 11.67 -13.12
CA MET A 365 -4.65 10.88 -14.35
C MET A 365 -6.07 10.37 -14.57
N GLY A 366 -7.06 10.96 -13.92
CA GLY A 366 -8.43 10.56 -14.11
C GLY A 366 -8.82 9.25 -13.47
N TYR A 367 -7.97 8.69 -12.62
CA TYR A 367 -8.24 7.42 -11.97
C TYR A 367 -8.74 7.68 -10.55
N ARG A 368 -9.83 7.01 -10.18
CA ARG A 368 -10.49 7.28 -8.91
C ARG A 368 -9.89 6.43 -7.79
N THR A 369 -9.95 6.98 -6.58
CA THR A 369 -9.46 6.33 -5.37
C THR A 369 -10.63 5.97 -4.47
N LYS A 370 -10.52 4.84 -3.77
CA LYS A 370 -11.61 4.30 -2.97
C LYS A 370 -11.14 4.12 -1.53
N TYR A 371 -12.09 3.74 -0.68
CA TYR A 371 -11.83 3.44 0.72
C TYR A 371 -12.69 2.26 1.14
N THR A 372 -12.09 1.29 1.82
CA THR A 372 -12.82 0.14 2.35
C THR A 372 -12.51 -0.01 3.83
N HIS A 373 -13.55 -0.22 4.64
CA HIS A 373 -13.38 -0.36 6.07
C HIS A 373 -13.14 -1.80 6.50
N LYS A 374 -13.17 -2.75 5.57
CA LYS A 374 -12.91 -4.15 5.89
C LYS A 374 -11.43 -4.46 6.00
N SER A 375 -10.56 -3.52 5.65
CA SER A 375 -9.12 -3.66 5.82
C SER A 375 -8.68 -2.74 6.96
N ARG A 376 -8.00 -3.32 7.95
CA ARG A 376 -7.65 -2.60 9.17
C ARG A 376 -6.16 -2.70 9.44
N ALA A 377 -5.65 -1.71 10.16
CA ALA A 377 -4.26 -1.69 10.60
C ALA A 377 -4.18 -0.86 11.88
N PHE A 378 -3.09 -1.06 12.62
CA PHE A 378 -2.89 -0.39 13.90
C PHE A 378 -1.57 0.35 13.86
N SER A 379 -1.61 1.64 14.20
CA SER A 379 -0.42 2.48 14.19
C SER A 379 -0.20 3.08 15.57
N GLU A 380 0.80 3.96 15.68
CA GLU A 380 1.16 4.61 16.93
C GLU A 380 1.05 6.12 16.76
N THR A 381 0.44 6.78 17.75
CA THR A 381 0.23 8.21 17.72
C THR A 381 0.98 8.88 18.87
N PRO A 382 1.41 10.13 18.69
CA PRO A 382 2.06 10.84 19.79
C PRO A 382 1.14 11.00 20.99
N SER A 383 1.72 10.88 22.18
CA SER A 383 0.98 11.01 23.43
C SER A 383 1.39 12.25 24.22
N LEU A 384 2.22 13.11 23.66
CA LEU A 384 2.74 14.28 24.35
C LEU A 384 2.36 15.54 23.57
N TYR A 385 2.15 16.63 24.30
CA TYR A 385 1.93 17.91 23.65
C TYR A 385 3.21 18.42 22.99
N LEU A 386 3.02 19.30 22.02
CA LEU A 386 4.05 19.89 21.15
C LEU A 386 4.57 18.89 20.14
N ARG A 387 4.30 17.60 20.37
CA ARG A 387 4.67 16.57 19.41
C ARG A 387 3.48 16.18 18.54
N TRP A 388 2.34 15.93 19.18
CA TRP A 388 1.08 15.95 18.44
C TRP A 388 0.87 17.29 17.77
N LEU A 389 1.30 18.38 18.42
CA LEU A 389 1.20 19.70 17.79
C LEU A 389 2.12 19.82 16.58
N ASN A 390 3.36 19.31 16.69
CA ASN A 390 4.24 19.32 15.53
C ASN A 390 3.66 18.49 14.39
N GLN A 391 3.08 17.33 14.72
CA GLN A 391 2.47 16.48 13.70
C GLN A 391 1.30 17.19 13.01
N GLN A 392 0.45 17.86 13.79
CA GLN A 392 -0.68 18.58 13.20
C GLN A 392 -0.21 19.74 12.33
N THR A 393 0.82 20.46 12.79
CA THR A 393 1.37 21.54 11.97
C THR A 393 1.94 21.00 10.65
N ARG A 394 2.63 19.86 10.72
CA ARG A 394 3.16 19.24 9.51
C ARG A 394 2.04 18.84 8.55
N TRP A 395 0.98 18.24 9.10
CA TRP A 395 -0.15 17.84 8.25
C TRP A 395 -0.82 19.04 7.62
N THR A 396 -1.01 20.12 8.38
CA THR A 396 -1.61 21.33 7.82
C THR A 396 -0.73 21.94 6.75
N LYS A 397 0.59 21.95 6.95
CA LYS A 397 1.50 22.46 5.95
C LYS A 397 1.39 21.65 4.66
N SER A 398 1.39 20.32 4.78
CA SER A 398 1.28 19.47 3.58
C SER A 398 -0.05 19.69 2.87
N TYR A 399 -1.14 19.80 3.64
CA TYR A 399 -2.45 20.00 3.04
C TYR A 399 -2.51 21.34 2.28
N PHE A 400 -2.00 22.40 2.90
CA PHE A 400 -2.00 23.70 2.25
C PHE A 400 -1.12 23.69 0.99
N ARG A 401 0.01 22.99 1.05
CA ARG A 401 0.90 22.95 -0.11
C ARG A 401 0.30 22.15 -1.25
N GLU A 402 -0.43 21.06 -0.94
CA GLU A 402 -1.02 20.22 -1.97
C GLU A 402 -2.38 20.71 -2.45
N TRP A 403 -2.99 21.69 -1.76
CA TRP A 403 -4.29 22.20 -2.21
C TRP A 403 -4.19 22.82 -3.60
N LEU A 404 -3.15 23.63 -3.84
CA LEU A 404 -3.01 24.28 -5.14
C LEU A 404 -2.82 23.27 -6.26
N TYR A 405 -2.01 22.23 -6.01
CA TYR A 405 -1.82 21.20 -7.02
C TYR A 405 -3.11 20.42 -7.26
N ASN A 406 -3.85 20.11 -6.19
CA ASN A 406 -5.09 19.37 -6.35
C ASN A 406 -6.15 20.18 -7.08
N ALA A 407 -6.09 21.52 -6.97
CA ALA A 407 -7.07 22.37 -7.64
C ALA A 407 -6.99 22.30 -9.16
N GLN A 408 -5.91 21.75 -9.72
CA GLN A 408 -5.78 21.70 -11.18
C GLN A 408 -6.67 20.64 -11.80
N TRP A 409 -6.91 19.53 -11.09
CA TRP A 409 -7.63 18.38 -11.64
C TRP A 409 -9.01 18.22 -11.03
N TRP A 410 -9.70 19.34 -10.78
CA TRP A 410 -11.05 19.26 -10.24
C TRP A 410 -12.06 18.81 -11.30
N HIS A 411 -11.80 19.11 -12.58
CA HIS A 411 -12.76 18.83 -13.63
C HIS A 411 -12.86 17.35 -13.97
N LYS A 412 -11.88 16.54 -13.57
CA LYS A 412 -11.87 15.13 -13.91
C LYS A 412 -12.70 14.27 -12.96
N HIS A 413 -13.24 14.85 -11.89
CA HIS A 413 -13.92 14.09 -10.85
C HIS A 413 -15.25 14.74 -10.50
N HIS A 414 -15.87 14.23 -9.46
CA HIS A 414 -17.18 14.71 -9.04
C HIS A 414 -17.09 16.14 -8.51
N ILE A 415 -18.20 16.87 -8.62
CA ILE A 415 -18.25 18.24 -8.10
C ILE A 415 -18.19 18.27 -6.58
N TRP A 416 -18.48 17.15 -5.92
CA TRP A 416 -18.33 17.09 -4.48
C TRP A 416 -16.88 17.33 -4.08
N MET A 417 -15.93 16.93 -4.91
CA MET A 417 -14.52 17.12 -4.60
C MET A 417 -14.18 18.61 -4.46
N THR A 418 -14.54 19.41 -5.47
CA THR A 418 -14.24 20.84 -5.40
C THR A 418 -15.10 21.53 -4.35
N TYR A 419 -16.35 21.09 -4.18
CA TYR A 419 -17.20 21.69 -3.14
C TYR A 419 -16.58 21.50 -1.76
N GLU A 420 -16.19 20.26 -1.43
CA GLU A 420 -15.60 20.00 -0.13
C GLU A 420 -14.24 20.68 0.02
N SER A 421 -13.46 20.76 -1.05
CA SER A 421 -12.18 21.47 -0.97
C SER A 421 -12.40 22.92 -0.62
N VAL A 422 -13.35 23.59 -1.29
CA VAL A 422 -13.61 25.01 -1.04
C VAL A 422 -14.10 25.22 0.38
N VAL A 423 -15.06 24.40 0.82
CA VAL A 423 -15.64 24.62 2.14
C VAL A 423 -14.61 24.35 3.23
N SER A 424 -13.81 23.29 3.07
CA SER A 424 -12.79 22.97 4.08
C SER A 424 -11.67 24.00 4.08
N PHE A 425 -11.41 24.65 2.94
CA PHE A 425 -10.39 25.68 2.93
C PHE A 425 -10.89 26.96 3.59
N ILE A 426 -12.17 27.30 3.40
CA ILE A 426 -12.68 28.59 3.86
C ILE A 426 -13.33 28.54 5.24
N PHE A 427 -13.57 27.36 5.81
CA PHE A 427 -14.20 27.30 7.12
C PHE A 427 -13.37 27.92 8.24
N PRO A 428 -12.08 27.61 8.41
CA PRO A 428 -11.34 28.17 9.57
C PRO A 428 -11.30 29.68 9.63
N PHE A 429 -11.23 30.36 8.48
CA PHE A 429 -11.20 31.82 8.49
C PHE A 429 -12.49 32.40 9.04
N PHE A 430 -13.63 31.84 8.62
CA PHE A 430 -14.91 32.27 9.17
C PHE A 430 -15.03 31.92 10.64
N ILE A 431 -14.47 30.77 11.05
CA ILE A 431 -14.42 30.41 12.46
C ILE A 431 -13.71 31.49 13.26
N THR A 432 -12.52 31.90 12.79
CA THR A 432 -11.75 32.91 13.49
C THR A 432 -12.48 34.25 13.51
N ALA A 433 -13.08 34.63 12.38
CA ALA A 433 -13.77 35.93 12.32
C ALA A 433 -14.95 35.96 13.28
N THR A 434 -15.76 34.90 13.29
CA THR A 434 -16.90 34.84 14.20
C THR A 434 -16.42 34.84 15.66
N VAL A 435 -15.36 34.09 15.96
CA VAL A 435 -14.84 34.04 17.32
C VAL A 435 -14.39 35.43 17.77
N ILE A 436 -13.65 36.14 16.90
CA ILE A 436 -13.16 37.47 17.27
C ILE A 436 -14.33 38.43 17.48
N ARG A 437 -15.30 38.42 16.56
CA ARG A 437 -16.43 39.34 16.66
C ARG A 437 -17.22 39.10 17.94
N LEU A 438 -17.53 37.83 18.24
CA LEU A 438 -18.32 37.53 19.44
C LEU A 438 -17.51 37.76 20.71
N ILE A 439 -16.19 37.55 20.65
CA ILE A 439 -15.34 37.80 21.80
C ILE A 439 -15.27 39.28 22.13
N TYR A 440 -15.10 40.12 21.13
CA TYR A 440 -14.93 41.56 21.34
C TYR A 440 -16.22 42.35 21.17
N ALA A 441 -17.37 41.67 21.08
CA ALA A 441 -18.64 42.38 21.00
C ALA A 441 -19.00 43.12 22.30
N GLY A 442 -18.30 42.82 23.40
CA GLY A 442 -18.55 43.53 24.64
C GLY A 442 -19.72 43.04 25.46
N THR A 443 -20.11 41.77 25.28
CA THR A 443 -21.21 41.18 26.05
C THR A 443 -20.82 39.79 26.51
N ILE A 444 -21.10 39.49 27.78
CA ILE A 444 -20.79 38.17 28.31
C ILE A 444 -21.69 37.11 27.69
N TRP A 445 -22.97 37.46 27.45
CA TRP A 445 -23.87 36.50 26.82
C TRP A 445 -23.38 36.10 25.44
N ASN A 446 -22.69 37.00 24.74
CA ASN A 446 -22.19 36.67 23.40
C ASN A 446 -21.13 35.57 23.47
N VAL A 447 -20.15 35.70 24.37
CA VAL A 447 -19.12 34.68 24.47
C VAL A 447 -19.70 33.38 25.03
N VAL A 448 -20.65 33.49 25.95
CA VAL A 448 -21.29 32.28 26.48
C VAL A 448 -22.02 31.54 25.37
N TRP A 449 -22.75 32.27 24.53
CA TRP A 449 -23.47 31.63 23.42
C TRP A 449 -22.51 31.09 22.38
N LEU A 450 -21.37 31.74 22.17
CA LEU A 450 -20.37 31.19 21.26
C LEU A 450 -19.88 29.83 21.75
N LEU A 451 -19.54 29.75 23.04
CA LEU A 451 -19.11 28.47 23.61
C LEU A 451 -20.22 27.43 23.52
N LEU A 452 -21.46 27.82 23.81
CA LEU A 452 -22.58 26.89 23.75
C LEU A 452 -22.78 26.37 22.33
N CYS A 453 -22.69 27.25 21.33
CA CYS A 453 -22.88 26.81 19.95
C CYS A 453 -21.78 25.86 19.51
N ILE A 454 -20.53 26.16 19.88
CA ILE A 454 -19.43 25.27 19.52
C ILE A 454 -19.64 23.89 20.15
N GLN A 455 -19.99 23.87 21.44
CA GLN A 455 -20.20 22.59 22.11
C GLN A 455 -21.43 21.86 21.57
N ILE A 456 -22.46 22.59 21.15
CA ILE A 456 -23.64 21.95 20.58
C ILE A 456 -23.30 21.28 19.24
N MET A 457 -22.52 21.96 18.40
CA MET A 457 -22.11 21.34 17.15
C MET A 457 -21.25 20.11 17.39
N SER A 458 -20.31 20.20 18.34
CA SER A 458 -19.49 19.05 18.68
C SER A 458 -20.34 17.89 19.20
N LEU A 459 -21.34 18.21 20.03
CA LEU A 459 -22.21 17.17 20.58
C LEU A 459 -23.05 16.52 19.49
N PHE A 460 -23.53 17.30 18.52
CA PHE A 460 -24.27 16.72 17.41
C PHE A 460 -23.41 15.76 16.61
N LYS A 461 -22.17 16.17 16.30
CA LYS A 461 -21.26 15.29 15.59
C LYS A 461 -20.98 14.02 16.39
N SER A 462 -20.76 14.16 17.70
CA SER A 462 -20.48 13.00 18.54
C SER A 462 -21.67 12.05 18.62
N ILE A 463 -22.89 12.60 18.70
CA ILE A 463 -24.08 11.76 18.76
C ILE A 463 -24.25 10.99 17.45
N TYR A 464 -24.05 11.66 16.31
CA TYR A 464 -24.14 10.94 15.05
C TYR A 464 -23.08 9.85 14.95
N ALA A 465 -21.86 10.14 15.38
CA ALA A 465 -20.80 9.14 15.36
C ALA A 465 -21.14 7.96 16.26
N CYS A 466 -21.70 8.24 17.44
CA CYS A 466 -22.10 7.18 18.35
C CYS A 466 -23.17 6.28 17.75
N TRP A 467 -24.16 6.89 17.08
CA TRP A 467 -25.18 6.09 16.41
C TRP A 467 -24.57 5.26 15.29
N LEU A 468 -23.70 5.86 14.48
CA LEU A 468 -23.14 5.15 13.34
C LEU A 468 -22.27 3.98 13.77
N ARG A 469 -21.42 4.18 14.78
CA ARG A 469 -20.55 3.12 15.26
C ARG A 469 -21.31 2.08 16.08
N GLY A 470 -22.44 2.46 16.69
CA GLY A 470 -23.17 1.59 17.57
C GLY A 470 -22.58 1.45 18.95
N ASN A 471 -21.53 2.19 19.26
CA ASN A 471 -20.86 2.12 20.55
C ASN A 471 -20.73 3.52 21.13
N PHE A 472 -20.83 3.62 22.46
CA PHE A 472 -21.10 4.89 23.13
C PHE A 472 -19.86 5.70 23.50
N ILE A 473 -18.64 5.22 23.20
CA ILE A 473 -17.48 5.99 23.61
C ILE A 473 -17.32 7.24 22.76
N MET A 474 -17.98 7.30 21.60
CA MET A 474 -17.85 8.43 20.69
C MET A 474 -18.48 9.71 21.21
N LEU A 475 -19.23 9.65 22.31
CA LEU A 475 -19.73 10.88 22.94
C LEU A 475 -18.59 11.76 23.42
N LEU A 476 -17.43 11.16 23.69
CA LEU A 476 -16.25 11.93 24.10
C LEU A 476 -15.58 12.66 22.94
N MET A 477 -16.03 12.42 21.70
CA MET A 477 -15.53 13.21 20.59
C MET A 477 -15.90 14.68 20.72
N SER A 478 -16.89 15.00 21.54
CA SER A 478 -17.23 16.39 21.82
C SER A 478 -16.10 17.14 22.51
N LEU A 479 -15.15 16.41 23.10
CA LEU A 479 -14.02 17.03 23.79
C LEU A 479 -12.93 17.52 22.85
N TYR A 480 -13.05 17.25 21.55
CA TYR A 480 -12.05 17.75 20.61
C TYR A 480 -12.23 19.22 20.30
N SER A 481 -13.33 19.84 20.74
CA SER A 481 -13.55 21.26 20.48
C SER A 481 -12.49 22.11 21.20
N MET A 482 -12.17 21.77 22.45
CA MET A 482 -11.18 22.53 23.18
C MET A 482 -9.77 22.31 22.65
N LEU A 483 -9.53 21.20 21.95
CA LEU A 483 -8.23 21.00 21.32
C LEU A 483 -8.14 21.73 19.98
N TYR A 484 -9.24 21.74 19.22
CA TYR A 484 -9.25 22.43 17.93
C TYR A 484 -9.22 23.94 18.10
N MET A 485 -9.97 24.46 19.07
CA MET A 485 -10.09 25.91 19.25
C MET A 485 -8.85 26.54 19.88
N THR A 486 -7.95 25.74 20.46
CA THR A 486 -6.79 26.27 21.16
C THR A 486 -5.49 26.13 20.38
N GLY A 487 -5.19 24.94 19.87
CA GLY A 487 -3.93 24.74 19.18
C GLY A 487 -4.03 24.62 17.68
N LEU A 488 -5.04 23.90 17.19
CA LEU A 488 -5.14 23.63 15.75
C LEU A 488 -5.40 24.91 14.96
N LEU A 489 -6.26 25.78 15.47
CA LEU A 489 -6.54 27.03 14.76
C LEU A 489 -5.32 27.92 14.64
N PRO A 490 -4.57 28.23 15.70
CA PRO A 490 -3.31 28.97 15.51
C PRO A 490 -2.28 28.22 14.69
N SER A 491 -2.25 26.88 14.79
CA SER A 491 -1.29 26.11 14.01
C SER A 491 -1.58 26.22 12.52
N LYS A 492 -2.85 26.34 12.14
CA LYS A 492 -3.19 26.53 10.73
C LYS A 492 -2.57 27.81 10.19
N TYR A 493 -2.71 28.92 10.93
CA TYR A 493 -2.11 30.18 10.48
C TYR A 493 -0.59 30.13 10.52
N PHE A 494 -0.02 29.44 11.52
CA PHE A 494 1.44 29.30 11.55
C PHE A 494 1.95 28.55 10.33
N ALA A 495 1.25 27.47 9.95
CA ALA A 495 1.64 26.72 8.75
C ALA A 495 1.44 27.57 7.49
N LEU A 496 0.36 28.35 7.43
CA LEU A 496 0.11 29.17 6.25
C LEU A 496 1.16 30.26 6.09
N LEU A 497 1.58 30.90 7.20
CA LEU A 497 2.55 31.99 7.11
C LEU A 497 3.96 31.49 6.83
N THR A 498 4.27 30.23 7.09
CA THR A 498 5.57 29.64 6.84
C THR A 498 5.44 28.42 5.95
N LEU A 499 4.71 28.56 4.85
CA LEU A 499 4.46 27.43 3.96
C LEU A 499 5.74 26.91 3.34
N ASN A 500 6.69 27.80 3.03
CA ASN A 500 7.94 27.41 2.41
C ASN A 500 9.03 27.07 3.43
N LYS A 501 8.75 27.24 4.73
CA LYS A 501 9.70 26.96 5.79
C LYS A 501 11.01 27.73 5.59
N ASN A 515 9.50 21.21 18.91
CA ASN A 515 10.75 21.96 18.93
C ASN A 515 10.57 23.33 19.58
N TYR A 516 9.51 23.47 20.37
CA TYR A 516 9.17 24.65 21.17
C TYR A 516 8.90 25.88 20.32
N MET A 517 8.84 25.76 19.00
CA MET A 517 8.56 26.89 18.12
C MET A 517 7.06 27.19 18.03
N PRO A 518 6.17 26.20 17.91
CA PRO A 518 4.73 26.52 17.84
C PRO A 518 4.14 27.07 19.12
N ILE A 519 4.94 27.33 20.16
CA ILE A 519 4.40 27.93 21.38
C ILE A 519 3.92 29.35 21.11
N LEU A 520 4.63 30.08 20.25
CA LEU A 520 4.30 31.49 20.01
C LEU A 520 2.88 31.69 19.45
N PRO A 521 2.42 30.95 18.43
CA PRO A 521 1.02 31.12 18.03
C PRO A 521 0.03 30.83 19.15
N LEU A 522 0.31 29.83 19.98
CA LEU A 522 -0.53 29.55 21.13
C LEU A 522 -0.55 30.74 22.09
N SER A 523 0.61 31.35 22.34
CA SER A 523 0.68 32.50 23.23
C SER A 523 -0.11 33.67 22.67
N ILE A 524 0.01 33.93 21.37
CA ILE A 524 -0.71 35.06 20.77
C ILE A 524 -2.22 34.82 20.84
N TRP A 525 -2.66 33.61 20.51
CA TRP A 525 -4.08 33.29 20.56
C TRP A 525 -4.62 33.41 21.98
N ALA A 526 -3.89 32.89 22.95
CA ALA A 526 -4.32 32.95 24.34
C ALA A 526 -4.39 34.40 24.83
N ALA A 527 -3.40 35.21 24.46
CA ALA A 527 -3.42 36.62 24.86
C ALA A 527 -4.62 37.33 24.26
N VAL A 528 -4.89 37.10 22.98
CA VAL A 528 -6.03 37.74 22.33
C VAL A 528 -7.32 37.33 23.00
N LEU A 529 -7.49 36.03 23.25
CA LEU A 529 -8.72 35.54 23.87
C LEU A 529 -8.89 36.10 25.28
N CYS A 530 -7.83 36.11 26.08
CA CYS A 530 -7.92 36.61 27.44
C CYS A 530 -8.24 38.09 27.46
N GLY A 531 -7.59 38.87 26.58
CA GLY A 531 -7.91 40.29 26.49
C GLY A 531 -9.35 40.54 26.09
N GLY A 532 -9.86 39.75 25.13
CA GLY A 532 -11.24 39.91 24.71
C GLY A 532 -12.23 39.57 25.81
N VAL A 533 -12.00 38.46 26.53
CA VAL A 533 -12.90 38.09 27.62
C VAL A 533 -12.86 39.13 28.72
N GLY A 534 -11.67 39.62 29.07
CA GLY A 534 -11.57 40.68 30.06
C GLY A 534 -12.26 41.96 29.65
N TYR A 535 -12.11 42.37 28.38
CA TYR A 535 -12.79 43.56 27.89
C TYR A 535 -14.31 43.39 27.94
N SER A 536 -14.81 42.22 27.52
CA SER A 536 -16.25 41.98 27.56
C SER A 536 -16.77 42.00 29.00
N ILE A 537 -16.05 41.36 29.91
CA ILE A 537 -16.48 41.33 31.30
C ILE A 537 -16.50 42.74 31.89
N TYR A 538 -15.46 43.54 31.59
CA TYR A 538 -15.42 44.92 32.06
C TYR A 538 -16.57 45.75 31.51
N MET A 539 -16.81 45.65 30.19
CA MET A 539 -17.83 46.45 29.54
C MET A 539 -19.24 46.04 29.95
N ASP A 540 -19.46 44.78 30.29
CA ASP A 540 -20.77 44.40 30.83
C ASP A 540 -20.88 44.65 32.32
N CYS A 541 -19.75 44.76 33.03
CA CYS A 541 -19.80 45.17 34.43
C CYS A 541 -20.23 46.62 34.54
N GLN A 542 -19.76 47.46 33.63
CA GLN A 542 -20.24 48.84 33.59
C GLN A 542 -21.47 48.87 32.68
N ASN A 543 -22.63 48.66 33.33
CA ASN A 543 -23.95 48.68 32.70
C ASN A 543 -25.01 48.61 33.79
N ASP A 544 -26.26 48.86 33.39
CA ASP A 544 -27.41 48.73 34.28
C ASP A 544 -28.21 47.51 33.83
N TRP A 545 -28.22 46.49 34.69
CA TRP A 545 -28.97 45.28 34.41
C TRP A 545 -30.41 45.34 34.90
N SER A 546 -30.86 46.49 35.41
CA SER A 546 -32.25 46.63 35.83
C SER A 546 -33.22 46.71 34.65
N THR A 547 -32.71 46.97 33.45
CA THR A 547 -33.56 47.00 32.27
C THR A 547 -34.10 45.61 31.96
N PRO A 548 -35.30 45.52 31.37
CA PRO A 548 -35.88 44.20 31.11
C PRO A 548 -35.24 43.44 29.97
N GLU A 549 -34.34 44.06 29.20
CA GLU A 549 -33.61 43.32 28.18
C GLU A 549 -32.42 42.58 28.79
N LYS A 550 -31.65 43.24 29.64
CA LYS A 550 -30.56 42.57 30.33
C LYS A 550 -31.05 41.56 31.36
N GLN A 551 -32.32 41.64 31.76
CA GLN A 551 -32.92 40.61 32.60
C GLN A 551 -33.23 39.33 31.83
N LYS A 552 -33.72 39.45 30.60
CA LYS A 552 -33.83 38.27 29.75
C LYS A 552 -32.45 37.73 29.38
N GLU A 553 -31.49 38.63 29.18
CA GLU A 553 -30.10 38.20 29.04
C GLU A 553 -29.63 37.44 30.27
N MET A 554 -30.05 37.87 31.46
CA MET A 554 -29.66 37.18 32.69
C MET A 554 -30.31 35.82 32.80
N TYR A 555 -31.61 35.73 32.47
CA TYR A 555 -32.33 34.46 32.48
C TYR A 555 -31.86 33.50 31.40
N HIS A 556 -31.18 33.99 30.38
CA HIS A 556 -30.46 33.12 29.46
C HIS A 556 -29.08 32.74 29.97
N LEU A 557 -28.37 33.68 30.60
CA LEU A 557 -27.02 33.42 31.09
C LEU A 557 -27.03 32.35 32.18
N LEU A 558 -27.96 32.44 33.12
CA LEU A 558 -28.00 31.48 34.22
C LEU A 558 -28.24 30.06 33.70
N TYR A 559 -29.25 29.90 32.83
CA TYR A 559 -29.56 28.59 32.29
C TYR A 559 -28.42 28.06 31.43
N GLY A 560 -27.82 28.91 30.61
CA GLY A 560 -26.70 28.47 29.79
C GLY A 560 -25.51 28.03 30.60
N CYS A 561 -25.17 28.79 31.65
CA CYS A 561 -24.06 28.41 32.52
C CYS A 561 -24.35 27.10 33.25
N VAL A 562 -25.59 26.94 33.74
CA VAL A 562 -25.94 25.69 34.42
C VAL A 562 -25.80 24.51 33.48
N GLY A 563 -26.33 24.64 32.26
CA GLY A 563 -26.20 23.57 31.29
C GLY A 563 -24.76 23.28 30.91
N TYR A 564 -23.95 24.33 30.75
CA TYR A 564 -22.55 24.16 30.38
C TYR A 564 -21.79 23.40 31.48
N VAL A 565 -21.97 23.82 32.73
CA VAL A 565 -21.28 23.15 33.83
C VAL A 565 -21.75 21.71 33.97
N MET A 566 -23.06 21.48 33.84
CA MET A 566 -23.57 20.11 33.95
C MET A 566 -23.00 19.23 32.85
N TYR A 567 -22.95 19.74 31.62
CA TYR A 567 -22.39 18.97 30.51
C TYR A 567 -20.92 18.65 30.73
N TRP A 568 -20.15 19.64 31.19
CA TRP A 568 -18.73 19.40 31.46
C TRP A 568 -18.56 18.35 32.56
N VAL A 569 -19.38 18.43 33.61
CA VAL A 569 -19.26 17.49 34.72
C VAL A 569 -19.58 16.08 34.28
N ILE A 570 -20.68 15.91 33.53
CA ILE A 570 -21.06 14.56 33.12
C ILE A 570 -20.05 13.99 32.13
N MET A 571 -19.52 14.83 31.24
CA MET A 571 -18.52 14.34 30.30
C MET A 571 -17.24 13.92 31.01
N ALA A 572 -16.78 14.71 31.99
CA ALA A 572 -15.58 14.34 32.73
C ALA A 572 -15.79 13.05 33.52
N VAL A 573 -16.96 12.92 34.17
CA VAL A 573 -17.26 11.72 34.93
C VAL A 573 -17.29 10.50 34.01
N MET A 574 -17.93 10.64 32.85
CA MET A 574 -17.98 9.54 31.89
C MET A 574 -16.59 9.17 31.39
N TYR A 575 -15.75 10.17 31.14
CA TYR A 575 -14.38 9.88 30.70
C TYR A 575 -13.63 9.08 31.76
N TRP A 576 -13.72 9.53 33.02
CA TRP A 576 -13.00 8.82 34.09
C TRP A 576 -13.55 7.41 34.28
N VAL A 577 -14.87 7.24 34.20
CA VAL A 577 -15.46 5.92 34.36
C VAL A 577 -15.03 4.99 33.22
N TRP A 578 -15.05 5.48 31.98
CA TRP A 578 -14.72 4.63 30.84
C TRP A 578 -13.23 4.31 30.78
N VAL A 579 -12.37 5.23 31.21
CA VAL A 579 -10.93 5.02 31.10
C VAL A 579 -10.37 4.25 32.29
N LYS A 580 -10.82 4.57 33.51
CA LYS A 580 -10.27 3.93 34.69
C LYS A 580 -10.55 2.43 34.70
N ARG A 581 -11.75 2.03 34.31
CA ARG A 581 -12.12 0.62 34.29
C ARG A 581 -11.41 -0.11 33.15
N SER B 3 23.49 -26.69 6.01
CA SER B 3 22.63 -27.58 5.24
C SER B 3 22.56 -27.16 3.77
N GLU B 4 23.11 -27.98 2.89
CA GLU B 4 23.06 -27.70 1.47
C GLU B 4 21.82 -28.35 0.85
N VAL B 5 21.27 -27.67 -0.18
CA VAL B 5 20.04 -28.12 -0.80
C VAL B 5 20.28 -29.39 -1.59
N GLN B 6 19.52 -30.43 -1.28
CA GLN B 6 19.60 -31.71 -1.99
C GLN B 6 18.20 -32.22 -2.29
N LEU B 7 18.09 -32.99 -3.37
CA LEU B 7 16.84 -33.61 -3.76
C LEU B 7 17.12 -35.03 -4.20
N VAL B 8 16.47 -36.00 -3.55
CA VAL B 8 16.68 -37.41 -3.82
C VAL B 8 15.39 -37.99 -4.40
N GLU B 9 15.53 -39.06 -5.18
CA GLU B 9 14.42 -39.66 -5.90
C GLU B 9 14.26 -41.12 -5.49
N SER B 10 13.02 -41.58 -5.45
CA SER B 10 12.72 -42.97 -5.12
C SER B 10 11.49 -43.42 -5.87
N GLY B 11 11.36 -44.74 -6.00
CA GLY B 11 10.19 -45.34 -6.60
C GLY B 11 10.29 -45.65 -8.07
N GLY B 12 11.49 -45.62 -8.65
CA GLY B 12 11.63 -45.91 -10.06
C GLY B 12 12.05 -47.34 -10.31
N GLY B 13 11.61 -47.87 -11.44
CA GLY B 13 11.90 -49.24 -11.79
C GLY B 13 11.11 -49.66 -13.02
N LEU B 14 10.86 -50.97 -13.10
CA LEU B 14 10.17 -51.56 -14.24
C LEU B 14 8.70 -51.75 -13.89
N VAL B 15 7.84 -51.56 -14.88
CA VAL B 15 6.39 -51.70 -14.69
C VAL B 15 5.77 -52.07 -16.03
N GLN B 16 4.82 -53.00 -15.99
CA GLN B 16 4.09 -53.39 -17.19
C GLN B 16 3.20 -52.24 -17.66
N PRO B 17 2.95 -52.15 -18.96
CA PRO B 17 2.04 -51.11 -19.46
C PRO B 17 0.64 -51.28 -18.91
N GLY B 18 0.00 -50.17 -18.57
CA GLY B 18 -1.31 -50.19 -17.98
C GLY B 18 -1.33 -50.20 -16.46
N GLY B 19 -0.19 -50.39 -15.82
CA GLY B 19 -0.12 -50.43 -14.37
C GLY B 19 -0.06 -49.05 -13.75
N SER B 20 0.76 -48.92 -12.70
CA SER B 20 0.86 -47.66 -11.98
C SER B 20 2.20 -47.57 -11.27
N LEU B 21 2.60 -46.35 -10.95
CA LEU B 21 3.85 -46.10 -10.26
C LEU B 21 3.69 -44.85 -9.38
N ARG B 22 4.52 -44.78 -8.35
CA ARG B 22 4.53 -43.64 -7.43
C ARG B 22 5.97 -43.24 -7.18
N LEU B 23 6.43 -42.21 -7.88
CA LEU B 23 7.74 -41.65 -7.59
C LEU B 23 7.66 -40.66 -6.44
N SER B 24 8.76 -40.51 -5.71
CA SER B 24 8.83 -39.65 -4.56
C SER B 24 10.11 -38.83 -4.62
N CYS B 25 10.01 -37.56 -4.26
CA CYS B 25 11.10 -36.60 -4.31
C CYS B 25 11.29 -36.06 -2.89
N ALA B 26 12.37 -36.49 -2.24
CA ALA B 26 12.68 -36.09 -0.87
C ALA B 26 13.62 -34.89 -0.91
N ALA B 27 13.19 -33.78 -0.31
CA ALA B 27 13.96 -32.56 -0.27
C ALA B 27 14.70 -32.43 1.04
N SER B 28 15.88 -31.81 1.00
CA SER B 28 16.69 -31.59 2.19
C SER B 28 17.34 -30.23 2.09
N GLY B 29 17.32 -29.49 3.19
CA GLY B 29 17.91 -28.17 3.25
C GLY B 29 16.95 -27.02 3.06
N PHE B 30 15.71 -27.30 2.66
CA PHE B 30 14.72 -26.25 2.45
C PHE B 30 13.33 -26.83 2.68
N ASN B 31 12.33 -25.96 2.60
CA ASN B 31 10.93 -26.34 2.78
C ASN B 31 10.20 -26.25 1.45
N VAL B 32 9.41 -27.29 1.13
CA VAL B 32 8.66 -27.31 -0.11
C VAL B 32 7.54 -26.28 -0.12
N SER B 33 7.20 -25.71 1.02
CA SER B 33 6.10 -24.74 1.06
C SER B 33 6.54 -23.37 0.60
N SER B 34 7.85 -23.14 0.48
CA SER B 34 8.37 -21.85 0.05
C SER B 34 8.98 -21.89 -1.34
N TYR B 35 8.77 -22.97 -2.09
CA TYR B 35 9.35 -23.13 -3.42
C TYR B 35 8.44 -24.01 -4.26
N TYR B 36 8.65 -23.92 -5.57
CA TYR B 36 7.98 -24.80 -6.52
C TYR B 36 8.77 -26.10 -6.66
N ILE B 37 8.04 -27.19 -6.90
CA ILE B 37 8.64 -28.49 -7.16
C ILE B 37 8.15 -28.97 -8.51
N HIS B 38 9.09 -29.20 -9.42
CA HIS B 38 8.77 -29.61 -10.78
C HIS B 38 9.31 -31.00 -11.06
N TRP B 39 8.60 -31.73 -11.92
CA TRP B 39 9.02 -33.05 -12.37
C TRP B 39 9.36 -32.96 -13.85
N VAL B 40 10.61 -33.26 -14.19
CA VAL B 40 11.10 -33.17 -15.56
C VAL B 40 11.68 -34.52 -15.95
N ARG B 41 11.32 -35.00 -17.14
CA ARG B 41 11.74 -36.31 -17.61
C ARG B 41 12.48 -36.17 -18.94
N GLN B 42 13.38 -37.12 -19.19
CA GLN B 42 14.19 -37.14 -20.40
C GLN B 42 14.13 -38.54 -20.98
N ALA B 43 13.50 -38.68 -22.14
CA ALA B 43 13.41 -39.97 -22.79
C ALA B 43 14.79 -40.42 -23.25
N PRO B 44 15.04 -41.73 -23.31
CA PRO B 44 16.34 -42.22 -23.78
C PRO B 44 16.71 -41.63 -25.14
N GLY B 45 17.82 -40.89 -25.17
CA GLY B 45 18.27 -40.26 -26.39
C GLY B 45 17.43 -39.10 -26.86
N LYS B 46 16.72 -38.41 -25.97
CA LYS B 46 15.85 -37.32 -26.36
C LYS B 46 16.05 -36.10 -25.49
N GLY B 47 15.29 -35.04 -25.74
CA GLY B 47 15.39 -33.81 -24.99
C GLY B 47 14.57 -33.83 -23.71
N LEU B 48 14.69 -32.75 -22.95
CA LEU B 48 13.97 -32.62 -21.70
C LEU B 48 12.49 -32.38 -21.94
N GLU B 49 11.65 -32.90 -21.05
CA GLU B 49 10.21 -32.70 -21.12
C GLU B 49 9.68 -32.41 -19.72
N TRP B 50 8.86 -31.38 -19.61
CA TRP B 50 8.23 -31.00 -18.36
C TRP B 50 6.97 -31.82 -18.16
N VAL B 51 6.80 -32.36 -16.96
CA VAL B 51 5.70 -33.29 -16.65
C VAL B 51 4.64 -32.61 -15.80
N ALA B 52 5.01 -32.12 -14.62
CA ALA B 52 4.05 -31.56 -13.70
C ALA B 52 4.76 -30.59 -12.76
N SER B 53 3.95 -29.78 -12.06
CA SER B 53 4.45 -28.79 -11.12
C SER B 53 3.47 -28.67 -9.97
N ILE B 54 3.99 -28.45 -8.78
CA ILE B 54 3.17 -28.35 -7.56
C ILE B 54 3.68 -27.19 -6.72
N SER B 55 2.75 -26.42 -6.17
CA SER B 55 3.06 -25.31 -5.27
C SER B 55 2.40 -25.61 -3.92
N SER B 56 3.22 -25.90 -2.92
CA SER B 56 2.69 -26.15 -1.58
C SER B 56 2.27 -24.85 -0.93
N SER B 57 1.37 -24.97 0.05
CA SER B 57 0.71 -23.87 0.77
C SER B 57 -0.20 -23.06 -0.14
N SER B 58 -0.36 -23.44 -1.41
CA SER B 58 -1.29 -22.80 -2.33
C SER B 58 -2.13 -23.77 -3.13
N GLY B 59 -1.67 -25.00 -3.37
CA GLY B 59 -2.43 -26.00 -4.08
C GLY B 59 -2.43 -25.86 -5.59
N SER B 60 -1.57 -25.02 -6.15
CA SER B 60 -1.55 -24.81 -7.59
C SER B 60 -0.80 -25.94 -8.28
N THR B 61 -1.51 -26.71 -9.10
CA THR B 61 -0.92 -27.83 -9.83
C THR B 61 -1.08 -27.59 -11.32
N SER B 62 -0.04 -27.95 -12.08
CA SER B 62 -0.06 -27.81 -13.53
C SER B 62 0.53 -29.07 -14.15
N TYR B 63 -0.07 -29.52 -15.25
CA TYR B 63 0.40 -30.71 -15.96
C TYR B 63 0.54 -30.41 -17.44
N ALA B 64 0.97 -31.41 -18.19
CA ALA B 64 1.16 -31.27 -19.62
C ALA B 64 0.05 -31.96 -20.39
N ASP B 65 -0.04 -31.65 -21.68
CA ASP B 65 -1.11 -32.20 -22.50
C ASP B 65 -0.99 -33.71 -22.65
N SER B 66 0.23 -34.23 -22.68
CA SER B 66 0.46 -35.67 -22.72
C SER B 66 0.48 -36.30 -21.35
N VAL B 67 0.32 -35.50 -20.29
CA VAL B 67 0.39 -35.98 -18.92
C VAL B 67 -0.94 -35.79 -18.20
N LYS B 68 -1.63 -34.68 -18.45
CA LYS B 68 -2.87 -34.37 -17.75
C LYS B 68 -3.91 -35.47 -17.96
N GLY B 69 -4.64 -35.77 -16.89
CA GLY B 69 -5.66 -36.79 -16.93
C GLY B 69 -5.19 -38.12 -16.35
N ARG B 70 -3.93 -38.48 -16.65
CA ARG B 70 -3.38 -39.74 -16.16
C ARG B 70 -2.58 -39.52 -14.88
N PHE B 71 -1.64 -38.58 -14.90
CA PHE B 71 -0.72 -38.41 -13.79
C PHE B 71 -1.28 -37.39 -12.79
N THR B 72 -0.88 -37.57 -11.53
CA THR B 72 -1.25 -36.65 -10.47
C THR B 72 0.01 -36.29 -9.67
N ILE B 73 0.03 -35.07 -9.17
CA ILE B 73 1.18 -34.56 -8.41
C ILE B 73 0.69 -34.02 -7.07
N SER B 74 1.45 -34.28 -6.02
CA SER B 74 1.11 -33.83 -4.69
C SER B 74 2.38 -33.51 -3.93
N ALA B 75 2.22 -32.96 -2.73
CA ALA B 75 3.36 -32.60 -1.89
C ALA B 75 2.93 -32.70 -0.43
N ASP B 76 3.65 -33.50 0.34
CA ASP B 76 3.37 -33.67 1.76
C ASP B 76 4.37 -32.85 2.58
N THR B 77 3.87 -31.95 3.40
CA THR B 77 4.71 -31.11 4.25
C THR B 77 5.02 -31.75 5.60
N SER B 78 4.35 -32.85 5.95
CA SER B 78 4.69 -33.54 7.19
C SER B 78 5.95 -34.37 7.02
N LYS B 79 6.23 -34.81 5.79
CA LYS B 79 7.47 -35.49 5.46
C LYS B 79 8.41 -34.63 4.64
N ASN B 80 7.97 -33.44 4.22
CA ASN B 80 8.76 -32.54 3.39
C ASN B 80 9.19 -33.19 2.09
N THR B 81 8.24 -33.83 1.41
CA THR B 81 8.51 -34.49 0.13
C THR B 81 7.42 -34.16 -0.87
N ALA B 82 7.68 -34.52 -2.13
CA ALA B 82 6.70 -34.44 -3.19
C ALA B 82 6.47 -35.83 -3.77
N TYR B 83 5.29 -36.02 -4.37
CA TYR B 83 4.91 -37.31 -4.91
C TYR B 83 4.34 -37.14 -6.31
N LEU B 84 4.65 -38.09 -7.19
CA LEU B 84 4.09 -38.14 -8.54
C LEU B 84 3.51 -39.53 -8.74
N GLN B 85 2.19 -39.62 -8.85
CA GLN B 85 1.49 -40.88 -9.06
C GLN B 85 1.06 -40.97 -10.51
N MET B 86 1.62 -41.93 -11.25
CA MET B 86 1.28 -42.14 -12.65
C MET B 86 0.51 -43.44 -12.78
N ASN B 87 -0.77 -43.35 -13.11
CA ASN B 87 -1.59 -44.49 -13.46
C ASN B 87 -1.90 -44.45 -14.95
N SER B 88 -2.37 -45.58 -15.46
CA SER B 88 -2.61 -45.76 -16.90
C SER B 88 -1.33 -45.50 -17.69
N LEU B 89 -0.22 -46.07 -17.22
CA LEU B 89 1.07 -45.87 -17.86
C LEU B 89 1.09 -46.47 -19.25
N ARG B 90 1.80 -45.82 -20.16
CA ARG B 90 1.96 -46.26 -21.53
C ARG B 90 3.44 -46.52 -21.82
N ALA B 91 3.70 -47.23 -22.91
CA ALA B 91 5.07 -47.54 -23.30
C ALA B 91 5.88 -46.29 -23.61
N GLU B 92 5.23 -45.15 -23.88
CA GLU B 92 5.91 -43.91 -24.21
C GLU B 92 6.38 -43.14 -22.98
N ASP B 93 6.00 -43.55 -21.78
CA ASP B 93 6.36 -42.82 -20.56
C ASP B 93 7.69 -43.26 -19.96
N THR B 94 8.41 -44.16 -20.62
CA THR B 94 9.72 -44.57 -20.11
C THR B 94 10.74 -43.46 -20.34
N ALA B 95 11.38 -43.03 -19.26
CA ALA B 95 12.36 -41.94 -19.32
C ALA B 95 13.12 -41.93 -18.00
N VAL B 96 13.92 -40.89 -17.81
CA VAL B 96 14.63 -40.64 -16.55
C VAL B 96 14.02 -39.39 -15.94
N TYR B 97 13.35 -39.56 -14.80
CA TYR B 97 12.60 -38.48 -14.18
C TYR B 97 13.48 -37.74 -13.19
N TYR B 98 13.50 -36.41 -13.31
CA TYR B 98 14.27 -35.54 -12.43
C TYR B 98 13.34 -34.80 -11.49
N CYS B 99 13.95 -34.01 -10.60
CA CYS B 99 13.22 -33.17 -9.66
C CYS B 99 13.96 -31.84 -9.57
N ALA B 100 13.23 -30.75 -9.72
CA ALA B 100 13.83 -29.43 -9.76
C ALA B 100 13.18 -28.52 -8.73
N ARG B 101 13.95 -27.55 -8.26
CA ARG B 101 13.48 -26.53 -7.34
C ARG B 101 13.52 -25.18 -8.03
N SER B 102 12.55 -24.32 -7.72
CA SER B 102 12.49 -23.00 -8.30
C SER B 102 11.77 -22.08 -7.32
N GLY B 103 11.66 -20.81 -7.70
CA GLY B 103 11.00 -19.85 -6.84
C GLY B 103 9.55 -19.65 -7.18
N TYR B 104 9.21 -18.49 -7.74
CA TYR B 104 7.82 -18.15 -8.03
C TYR B 104 7.76 -17.30 -9.28
N TYR B 105 6.57 -17.26 -9.88
CA TYR B 105 6.35 -16.48 -11.09
C TYR B 105 5.76 -15.12 -10.71
N TRP B 106 6.49 -14.05 -11.01
CA TRP B 106 6.06 -12.69 -10.74
C TRP B 106 5.64 -11.95 -12.00
N GLY B 107 6.33 -12.22 -13.11
CA GLY B 107 6.11 -11.50 -14.35
C GLY B 107 7.06 -12.05 -15.40
N PRO B 108 7.79 -11.16 -16.07
CA PRO B 108 8.87 -11.61 -16.97
C PRO B 108 10.09 -12.15 -16.22
N TYR B 109 10.03 -12.28 -14.90
CA TYR B 109 11.14 -12.76 -14.09
C TYR B 109 10.71 -14.02 -13.36
N PHE B 110 11.53 -15.07 -13.43
CA PHE B 110 11.19 -16.34 -12.81
C PHE B 110 12.25 -16.82 -11.83
N GLY B 111 13.54 -16.69 -12.18
CA GLY B 111 14.63 -17.12 -11.33
C GLY B 111 15.34 -18.37 -11.81
N GLY B 112 14.65 -19.30 -12.44
CA GLY B 112 15.29 -20.48 -13.01
C GLY B 112 15.03 -21.73 -12.20
N PHE B 113 15.50 -22.85 -12.76
CA PHE B 113 15.37 -24.18 -12.18
C PHE B 113 16.68 -24.51 -11.48
N ASP B 114 16.87 -23.99 -10.28
CA ASP B 114 18.11 -24.22 -9.55
C ASP B 114 17.98 -25.45 -8.67
N TYR B 115 19.14 -26.08 -8.40
CA TYR B 115 19.22 -27.27 -7.56
C TYR B 115 18.36 -28.41 -8.13
N TRP B 116 18.78 -28.87 -9.31
CA TRP B 116 18.20 -30.07 -9.89
C TRP B 116 18.53 -31.29 -9.04
N GLY B 117 17.58 -32.22 -8.95
CA GLY B 117 17.82 -33.48 -8.30
C GLY B 117 18.53 -34.46 -9.22
N GLN B 118 18.67 -35.69 -8.73
CA GLN B 118 19.25 -36.76 -9.53
C GLN B 118 18.20 -37.28 -10.50
N GLY B 119 18.48 -38.41 -11.13
CA GLY B 119 17.54 -39.05 -12.05
C GLY B 119 17.13 -40.41 -11.55
N THR B 120 15.84 -40.72 -11.69
CA THR B 120 15.29 -42.04 -11.38
C THR B 120 14.73 -42.63 -12.67
N LEU B 121 15.02 -43.92 -12.89
CA LEU B 121 14.71 -44.57 -14.16
C LEU B 121 13.38 -45.30 -14.07
N VAL B 122 12.52 -45.06 -15.06
CA VAL B 122 11.23 -45.74 -15.18
C VAL B 122 11.18 -46.44 -16.53
N THR B 123 10.84 -47.72 -16.53
CA THR B 123 10.82 -48.54 -17.74
C THR B 123 9.46 -49.22 -17.84
N VAL B 124 8.68 -48.80 -18.83
CA VAL B 124 7.36 -49.37 -19.08
C VAL B 124 7.50 -50.29 -20.29
N SER B 125 7.53 -51.60 -20.04
CA SER B 125 7.68 -52.58 -21.10
C SER B 125 7.17 -53.92 -20.61
N SER B 126 6.92 -54.82 -21.56
CA SER B 126 6.44 -56.16 -21.23
C SER B 126 7.59 -57.05 -20.75
N ILE C 3 4.10 -20.84 -28.75
CA ILE C 3 4.44 -21.75 -27.68
C ILE C 3 5.64 -22.60 -28.09
N GLN C 4 5.65 -23.04 -29.35
CA GLN C 4 6.75 -23.86 -29.85
C GLN C 4 8.08 -23.12 -29.70
N MET C 5 9.08 -23.81 -29.18
CA MET C 5 10.38 -23.22 -28.88
C MET C 5 11.41 -23.91 -29.76
N THR C 6 12.07 -23.13 -30.63
CA THR C 6 12.97 -23.67 -31.64
C THR C 6 14.37 -23.14 -31.43
N GLN C 7 15.34 -24.05 -31.32
CA GLN C 7 16.75 -23.68 -31.24
C GLN C 7 17.34 -23.70 -32.64
N SER C 8 18.01 -22.59 -33.02
CA SER C 8 18.49 -22.48 -34.40
C SER C 8 19.61 -23.48 -34.71
N PRO C 9 20.73 -23.50 -33.97
CA PRO C 9 21.74 -24.53 -34.28
C PRO C 9 21.48 -25.84 -33.54
N SER C 10 21.16 -26.88 -34.31
CA SER C 10 20.92 -28.19 -33.69
C SER C 10 22.23 -28.87 -33.31
N SER C 11 23.26 -28.72 -34.12
CA SER C 11 24.59 -29.25 -33.81
C SER C 11 25.62 -28.18 -34.14
N LEU C 12 26.55 -27.96 -33.22
CA LEU C 12 27.55 -26.91 -33.38
C LEU C 12 28.91 -27.47 -33.02
N SER C 13 29.92 -27.06 -33.79
CA SER C 13 31.30 -27.49 -33.59
C SER C 13 32.20 -26.27 -33.59
N ALA C 14 33.07 -26.19 -32.59
CA ALA C 14 34.01 -25.08 -32.48
C ALA C 14 35.25 -25.54 -31.73
N SER C 15 36.34 -24.80 -31.91
CA SER C 15 37.59 -25.09 -31.24
C SER C 15 37.60 -24.46 -29.85
N VAL C 16 38.79 -24.44 -29.22
CA VAL C 16 38.92 -23.83 -27.91
C VAL C 16 39.27 -22.36 -28.06
N GLY C 17 38.48 -21.49 -27.43
CA GLY C 17 38.68 -20.07 -27.56
C GLY C 17 37.77 -19.37 -28.54
N ASP C 18 36.82 -20.09 -29.13
CA ASP C 18 35.90 -19.54 -30.11
C ASP C 18 34.62 -19.05 -29.42
N ARG C 19 34.22 -17.83 -29.74
CA ARG C 19 32.94 -17.31 -29.27
C ARG C 19 31.82 -17.95 -30.09
N VAL C 20 30.85 -18.55 -29.42
CA VAL C 20 29.75 -19.25 -30.08
C VAL C 20 28.43 -18.68 -29.57
N THR C 21 27.48 -18.54 -30.48
CA THR C 21 26.16 -18.00 -30.16
C THR C 21 25.08 -19.02 -30.50
N ILE C 22 24.04 -19.06 -29.68
CA ILE C 22 22.90 -19.94 -29.87
C ILE C 22 21.63 -19.10 -29.84
N THR C 23 20.82 -19.22 -30.89
CA THR C 23 19.57 -18.48 -31.02
C THR C 23 18.39 -19.39 -30.70
N CYS C 24 17.34 -18.78 -30.15
CA CYS C 24 16.19 -19.53 -29.65
C CYS C 24 14.95 -18.69 -29.86
N ARG C 25 13.96 -19.24 -30.55
CA ARG C 25 12.77 -18.49 -30.95
C ARG C 25 11.54 -19.11 -30.30
N ALA C 26 10.69 -18.27 -29.72
CA ALA C 26 9.47 -18.71 -29.05
C ALA C 26 8.33 -17.78 -29.41
N SER C 27 7.19 -18.36 -29.78
CA SER C 27 6.09 -17.57 -30.33
C SER C 27 5.23 -16.95 -29.22
N GLN C 28 5.54 -17.26 -27.97
CA GLN C 28 4.75 -16.77 -26.83
C GLN C 28 5.69 -16.04 -25.88
N SER C 29 5.77 -14.71 -26.00
CA SER C 29 6.70 -13.91 -25.23
C SER C 29 5.97 -12.74 -24.57
N VAL C 30 4.85 -13.04 -23.90
CA VAL C 30 4.06 -11.99 -23.27
C VAL C 30 4.52 -11.79 -21.83
N SER C 31 4.41 -12.82 -21.00
CA SER C 31 4.78 -12.73 -19.59
C SER C 31 5.46 -14.01 -19.12
N SER C 32 6.37 -14.54 -19.94
CA SER C 32 7.11 -15.75 -19.61
C SER C 32 8.60 -15.48 -19.69
N ALA C 33 9.32 -15.91 -18.66
CA ALA C 33 10.77 -15.76 -18.61
C ALA C 33 11.45 -16.90 -19.35
N VAL C 34 12.62 -16.59 -19.93
CA VAL C 34 13.39 -17.55 -20.70
C VAL C 34 14.70 -17.83 -19.97
N ALA C 35 14.96 -19.11 -19.72
CA ALA C 35 16.15 -19.55 -19.01
C ALA C 35 16.98 -20.47 -19.90
N TRP C 36 18.29 -20.49 -19.65
CA TRP C 36 19.25 -21.27 -20.41
C TRP C 36 19.97 -22.22 -19.44
N TYR C 37 19.92 -23.52 -19.75
CA TYR C 37 20.56 -24.55 -18.94
C TYR C 37 21.59 -25.32 -19.75
N GLN C 38 22.49 -25.97 -19.03
CA GLN C 38 23.53 -26.82 -19.61
C GLN C 38 23.49 -28.20 -18.97
N GLN C 39 23.63 -29.23 -19.79
CA GLN C 39 23.61 -30.61 -19.30
C GLN C 39 24.71 -31.41 -19.99
N LYS C 40 25.41 -32.22 -19.22
CA LYS C 40 26.47 -33.10 -19.70
C LYS C 40 26.03 -34.55 -19.63
N PRO C 41 26.63 -35.42 -20.45
CA PRO C 41 26.20 -36.82 -20.50
C PRO C 41 26.17 -37.47 -19.12
N GLY C 42 25.04 -38.12 -18.82
CA GLY C 42 24.89 -38.83 -17.56
C GLY C 42 24.80 -37.96 -16.33
N LYS C 43 24.39 -36.71 -16.47
CA LYS C 43 24.31 -35.79 -15.35
C LYS C 43 23.05 -34.94 -15.46
N ALA C 44 22.61 -34.41 -14.33
CA ALA C 44 21.45 -33.55 -14.30
C ALA C 44 21.79 -32.16 -14.86
N PRO C 45 20.85 -31.51 -15.52
CA PRO C 45 21.11 -30.17 -16.05
C PRO C 45 21.38 -29.17 -14.94
N LYS C 46 22.20 -28.17 -15.26
CA LYS C 46 22.51 -27.08 -14.34
C LYS C 46 22.10 -25.76 -14.96
N LEU C 47 21.70 -24.82 -14.12
CA LEU C 47 21.19 -23.54 -14.59
C LEU C 47 22.34 -22.60 -14.90
N LEU C 48 22.31 -22.02 -16.11
CA LEU C 48 23.28 -21.01 -16.51
C LEU C 48 22.72 -19.60 -16.39
N ILE C 49 21.61 -19.33 -17.07
CA ILE C 49 21.07 -17.98 -17.17
C ILE C 49 19.58 -18.01 -16.88
N TYR C 50 19.11 -17.02 -16.12
CA TYR C 50 17.69 -16.84 -15.84
C TYR C 50 17.29 -15.42 -16.15
N SER C 51 15.98 -15.23 -16.38
CA SER C 51 15.40 -13.95 -16.80
C SER C 51 16.01 -13.45 -18.12
N ALA C 52 16.62 -14.36 -18.89
CA ALA C 52 17.12 -14.09 -20.24
C ALA C 52 18.31 -13.14 -20.26
N SER C 53 18.68 -12.59 -19.11
CA SER C 53 19.88 -11.75 -19.02
C SER C 53 20.73 -11.97 -17.78
N SER C 54 20.16 -12.48 -16.69
CA SER C 54 20.89 -12.58 -15.44
C SER C 54 21.75 -13.83 -15.40
N LEU C 55 22.88 -13.76 -14.68
CA LEU C 55 23.81 -14.86 -14.58
C LEU C 55 23.69 -15.52 -13.21
N TYR C 56 23.57 -16.84 -13.21
CA TYR C 56 23.49 -17.59 -11.96
C TYR C 56 24.82 -17.54 -11.21
N SER C 57 24.73 -17.50 -9.88
CA SER C 57 25.92 -17.46 -9.04
C SER C 57 26.78 -18.70 -9.28
N GLY C 58 28.08 -18.48 -9.45
CA GLY C 58 29.03 -19.55 -9.71
C GLY C 58 29.30 -19.81 -11.17
N VAL C 59 28.44 -19.36 -12.06
CA VAL C 59 28.65 -19.55 -13.50
C VAL C 59 29.78 -18.63 -13.96
N PRO C 60 30.71 -19.12 -14.79
CA PRO C 60 31.77 -18.23 -15.29
C PRO C 60 31.20 -17.06 -16.08
N SER C 61 31.90 -15.94 -16.03
CA SER C 61 31.41 -14.71 -16.66
C SER C 61 31.51 -14.74 -18.17
N ARG C 62 31.96 -15.84 -18.77
CA ARG C 62 31.99 -15.93 -20.23
C ARG C 62 30.58 -16.09 -20.78
N PHE C 63 29.73 -16.84 -20.10
CA PHE C 63 28.35 -17.01 -20.53
C PHE C 63 27.60 -15.68 -20.43
N SER C 64 26.76 -15.41 -21.42
CA SER C 64 25.91 -14.23 -21.40
C SER C 64 24.62 -14.52 -22.14
N GLY C 65 23.58 -13.78 -21.79
CA GLY C 65 22.28 -13.93 -22.42
C GLY C 65 21.73 -12.59 -22.85
N SER C 66 20.93 -12.61 -23.91
CA SER C 66 20.35 -11.38 -24.43
C SER C 66 19.03 -11.72 -25.12
N ARG C 67 18.21 -10.69 -25.30
CA ARG C 67 16.96 -10.84 -26.02
C ARG C 67 16.82 -9.73 -27.04
N SER C 68 16.29 -10.07 -28.21
CA SER C 68 15.97 -9.11 -29.27
C SER C 68 14.58 -9.49 -29.78
N GLY C 69 13.57 -8.80 -29.26
CA GLY C 69 12.20 -9.11 -29.62
C GLY C 69 11.83 -10.54 -29.28
N THR C 70 11.53 -11.34 -30.33
CA THR C 70 11.18 -12.73 -30.11
C THR C 70 12.41 -13.58 -29.81
N ASP C 71 13.57 -13.19 -30.33
CA ASP C 71 14.74 -14.06 -30.27
C ASP C 71 15.46 -13.92 -28.94
N PHE C 72 15.99 -15.04 -28.46
CA PHE C 72 16.81 -15.08 -27.25
C PHE C 72 18.14 -15.73 -27.61
N THR C 73 19.23 -15.13 -27.16
CA THR C 73 20.58 -15.54 -27.57
C THR C 73 21.43 -15.84 -26.36
N LEU C 74 22.16 -16.96 -26.43
CA LEU C 74 23.16 -17.35 -25.44
C LEU C 74 24.54 -17.29 -26.11
N THR C 75 25.46 -16.57 -25.50
CA THR C 75 26.77 -16.34 -26.08
C THR C 75 27.87 -16.76 -25.11
N ILE C 76 28.83 -17.53 -25.63
CA ILE C 76 30.04 -17.90 -24.90
C ILE C 76 31.21 -17.23 -25.60
N SER C 77 31.91 -16.35 -24.88
CA SER C 77 32.99 -15.58 -25.49
C SER C 77 34.21 -16.44 -25.74
N SER C 78 34.56 -17.29 -24.79
CA SER C 78 35.69 -18.22 -24.92
C SER C 78 35.21 -19.62 -24.59
N LEU C 79 35.41 -20.54 -25.52
CA LEU C 79 34.93 -21.92 -25.36
C LEU C 79 36.03 -22.76 -24.74
N GLN C 80 35.90 -23.05 -23.46
CA GLN C 80 36.83 -23.90 -22.72
C GLN C 80 36.53 -25.36 -22.98
N PRO C 81 37.49 -26.25 -22.75
CA PRO C 81 37.23 -27.69 -22.96
C PRO C 81 36.09 -28.23 -22.10
N GLU C 82 35.86 -27.66 -20.92
CA GLU C 82 34.76 -28.08 -20.07
C GLU C 82 33.40 -27.56 -20.53
N ASP C 83 33.36 -26.74 -21.59
CA ASP C 83 32.13 -26.12 -22.03
C ASP C 83 31.38 -26.91 -23.10
N PHE C 84 31.89 -28.08 -23.48
CA PHE C 84 31.20 -28.92 -24.47
C PHE C 84 30.12 -29.73 -23.77
N ALA C 85 28.86 -29.40 -24.05
CA ALA C 85 27.71 -30.06 -23.46
C ALA C 85 26.50 -29.75 -24.33
N THR C 86 25.31 -30.07 -23.82
CA THR C 86 24.06 -29.81 -24.50
C THR C 86 23.33 -28.67 -23.79
N TYR C 87 22.97 -27.63 -24.54
CA TYR C 87 22.36 -26.44 -23.98
C TYR C 87 20.88 -26.40 -24.33
N TYR C 88 20.05 -26.08 -23.35
CA TYR C 88 18.61 -26.11 -23.48
C TYR C 88 17.99 -24.76 -23.15
N CYS C 89 16.90 -24.44 -23.85
CA CYS C 89 16.07 -23.29 -23.57
C CYS C 89 14.92 -23.71 -22.65
N GLN C 90 14.31 -22.72 -22.01
CA GLN C 90 13.13 -22.98 -21.19
C GLN C 90 12.27 -21.74 -21.12
N GLN C 91 11.04 -21.84 -21.60
CA GLN C 91 10.05 -20.76 -21.49
C GLN C 91 9.08 -21.18 -20.38
N SER C 92 9.31 -20.66 -19.19
CA SER C 92 8.62 -21.15 -17.99
C SER C 92 7.69 -20.07 -17.46
N SER C 93 6.39 -20.33 -17.53
CA SER C 93 5.38 -19.53 -16.84
C SER C 93 4.48 -20.49 -16.08
N SER C 94 3.54 -19.93 -15.33
CA SER C 94 2.57 -20.77 -14.63
C SER C 94 1.67 -21.49 -15.64
N SER C 95 1.33 -22.73 -15.32
CA SER C 95 0.43 -23.60 -16.08
C SER C 95 1.05 -24.14 -17.37
N LEU C 96 2.26 -23.71 -17.75
CA LEU C 96 2.88 -24.22 -18.96
C LEU C 96 4.37 -23.94 -18.93
N ILE C 97 5.17 -24.98 -19.12
CA ILE C 97 6.63 -24.87 -19.21
C ILE C 97 7.08 -25.64 -20.44
N THR C 98 7.89 -25.00 -21.29
CA THR C 98 8.35 -25.59 -22.53
C THR C 98 9.88 -25.53 -22.60
N PHE C 99 10.48 -26.67 -22.94
CA PHE C 99 11.92 -26.81 -23.04
C PHE C 99 12.34 -26.78 -24.51
N GLY C 100 13.57 -26.32 -24.75
CA GLY C 100 14.16 -26.40 -26.07
C GLY C 100 14.72 -27.78 -26.33
N GLN C 101 15.59 -27.91 -27.34
CA GLN C 101 16.17 -29.20 -27.65
C GLN C 101 17.44 -29.00 -28.46
N GLY C 102 18.29 -30.03 -28.44
CA GLY C 102 19.45 -30.04 -29.30
C GLY C 102 20.53 -29.07 -28.87
N THR C 103 21.25 -28.53 -29.85
CA THR C 103 22.39 -27.64 -29.64
C THR C 103 23.46 -28.32 -28.79
N LYS C 104 24.01 -29.40 -29.33
CA LYS C 104 25.11 -30.13 -28.69
C LYS C 104 26.41 -29.58 -29.24
N VAL C 105 27.21 -28.95 -28.37
CA VAL C 105 28.47 -28.36 -28.80
C VAL C 105 29.55 -29.43 -28.83
N GLU C 106 30.20 -29.58 -29.97
CA GLU C 106 31.24 -30.57 -30.18
C GLU C 106 32.56 -29.88 -30.53
N ILE C 107 33.57 -30.68 -30.84
CA ILE C 107 34.89 -30.19 -31.17
C ILE C 107 35.32 -30.77 -32.51
N LYS C 108 36.27 -30.11 -33.15
CA LYS C 108 36.78 -30.54 -34.44
C LYS C 108 37.76 -31.69 -34.29
C1 NAG D . -31.75 39.64 16.09
C2 NAG D . -30.25 39.50 15.83
C3 NAG D . -29.75 38.17 16.40
C4 NAG D . -30.11 38.06 17.87
C5 NAG D . -31.62 38.27 18.07
C6 NAG D . -32.04 38.29 19.52
C7 NAG D . -29.32 40.62 13.87
C8 NAG D . -28.91 41.72 14.80
N2 NAG D . -29.96 39.59 14.41
O1 NAG D . -32.19 40.88 15.62
O3 NAG D . -28.35 38.08 16.23
O4 NAG D . -29.76 36.78 18.38
O5 NAG D . -32.01 39.53 17.50
O6 NAG D . -33.44 38.42 19.65
O7 NAG D . -29.08 40.67 12.66
C1 BDP D . -28.09 36.82 15.56
C2 BDP D . -26.94 36.99 14.58
C3 BDP D . -26.68 35.75 13.86
C4 BDP D . -26.46 34.60 14.78
C5 BDP D . -27.52 34.49 15.84
C6 BDP D . -27.10 33.46 16.82
O2 BDP D . -27.29 38.04 13.61
O3 BDP D . -25.46 35.95 12.99
O4 BDP D . -26.47 33.40 14.02
O5 BDP D . -27.77 35.75 16.52
O6A BDP D . -27.88 32.60 17.19
O6B BDP D . -25.94 33.48 17.27
C1 NAG D . -25.15 32.86 13.93
C2 NAG D . -25.24 31.44 13.36
C3 NAG D . -23.84 30.85 13.13
C4 NAG D . -22.99 31.82 12.31
C5 NAG D . -22.98 33.20 12.97
C6 NAG D . -22.22 34.23 12.16
C7 NAG D . -27.04 29.83 13.83
C8 NAG D . -27.71 29.01 14.88
N2 NAG D . -26.01 30.58 14.24
O3 NAG D . -23.97 29.61 12.45
O4 NAG D . -21.65 31.34 12.22
O5 NAG D . -24.32 33.67 13.08
O6 NAG D . -22.01 35.41 12.93
O7 NAG D . -27.42 29.84 12.66
C1 BDP D . -23.07 28.63 13.01
C2 BDP D . -23.39 27.28 12.39
C3 BDP D . -22.43 26.27 12.78
C4 BDP D . -21.03 26.64 12.44
C5 BDP D . -20.67 27.99 13.01
C6 BDP D . -19.43 28.49 12.37
O2 BDP D . -24.71 26.85 12.82
O3 BDP D . -22.77 24.97 12.08
O4 BDP D . -20.16 25.67 13.03
O5 BDP D . -21.66 29.03 12.80
O6A BDP D . -18.93 29.55 12.77
O6B BDP D . -18.94 27.88 11.43
C1 NAG D . -19.49 24.87 12.02
C2 NAG D . -18.45 24.02 12.74
C3 NAG D . -17.71 23.11 11.77
C4 NAG D . -18.71 22.33 10.92
C5 NAG D . -19.73 23.27 10.28
C6 NAG D . -20.81 22.54 9.52
C7 NAG D . -17.24 24.71 14.78
C8 NAG D . -18.00 23.62 15.48
N2 NAG D . -17.50 24.85 13.47
O3 NAG D . -16.90 22.20 12.50
O4 NAG D . -18.03 21.60 9.89
O5 NAG D . -20.37 24.04 11.29
O6 NAG D . -20.57 21.13 9.49
O7 NAG D . -16.45 25.43 15.36
C1 BDP D . -15.58 22.06 11.94
C2 BDP D . -14.82 21.07 12.80
C3 BDP D . -13.50 20.75 12.29
C4 BDP D . -13.49 20.39 10.84
C5 BDP D . -14.25 21.40 10.01
C6 BDP D . -14.36 20.89 8.62
O2 BDP D . -14.68 21.61 14.15
O3 BDP D . -12.96 19.58 13.08
O4 BDP D . -12.13 20.36 10.39
O5 BDP D . -15.60 21.66 10.52
O6A BDP D . -15.37 20.28 8.27
O6B BDP D . -13.42 21.08 7.83
C1 NAG D . -11.77 19.01 10.01
C2 NAG D . -10.25 18.94 9.91
C3 NAG D . -9.79 17.52 9.55
C4 NAG D . -10.40 16.51 10.53
C5 NAG D . -11.92 16.69 10.60
C6 NAG D . -12.57 15.80 11.63
C7 NAG D . -10.02 19.92 7.65
C8 NAG D . -9.37 21.00 6.85
N2 NAG D . -9.72 19.91 8.95
O3 NAG D . -8.38 17.46 9.60
O4 NAG D . -10.12 15.18 10.11
O5 NAG D . -12.24 18.05 10.96
O6 NAG D . -11.98 14.51 11.64
O7 NAG D . -10.78 19.10 7.14
C1 BDP D . -7.86 16.60 8.56
C2 BDP D . -6.48 17.08 8.14
C3 BDP D . -5.80 16.16 7.24
C4 BDP D . -5.77 14.76 7.76
C5 BDP D . -7.19 14.30 8.07
C6 BDP D . -7.14 12.95 8.67
O2 BDP D . -6.58 18.39 7.49
O3 BDP D . -4.38 16.67 7.05
O4 BDP D . -5.23 13.87 6.79
O5 BDP D . -7.86 15.19 8.99
O6A BDP D . -7.07 12.83 9.89
O6B BDP D . -7.17 11.96 7.94
C1 NAG D . -3.83 13.62 7.02
C2 NAG D . -3.59 12.13 7.23
C3 NAG D . -2.10 11.85 7.38
C4 NAG D . -1.32 12.44 6.22
C5 NAG D . -1.64 13.91 6.07
C6 NAG D . -0.99 14.54 4.85
C7 NAG D . -4.60 10.35 8.60
C8 NAG D . -5.36 10.04 9.86
N2 NAG D . -4.32 11.64 8.40
O3 NAG D . -1.87 10.45 7.45
O4 NAG D . 0.08 12.29 6.44
O5 NAG D . -3.06 14.09 5.91
O6 NAG D . -1.56 15.81 4.55
O7 NAG D . -4.27 9.47 7.81
#